data_3U0U
# 
_entry.id   3U0U 
# 
_audit_conform.dict_name       mmcif_pdbx.dic 
_audit_conform.dict_version    5.387 
_audit_conform.dict_location   http://mmcif.pdb.org/dictionaries/ascii/mmcif_pdbx.dic 
# 
loop_
_database_2.database_id 
_database_2.database_code 
_database_2.pdbx_database_accession 
_database_2.pdbx_DOI 
PDB   3U0U         pdb_00003u0u 10.2210/pdb3u0u/pdb 
NDB   NA1312       ?            ?                   
RCSB  RCSB068163   ?            ?                   
WWPDB D_1000068163 ?            ?                   
# 
loop_
_pdbx_audit_revision_history.ordinal 
_pdbx_audit_revision_history.data_content_type 
_pdbx_audit_revision_history.major_revision 
_pdbx_audit_revision_history.minor_revision 
_pdbx_audit_revision_history.revision_date 
1 'Structure model' 1 0 2012-09-12 
2 'Structure model' 1 1 2014-01-08 
3 'Structure model' 1 2 2024-02-28 
# 
_pdbx_audit_revision_details.ordinal             1 
_pdbx_audit_revision_details.revision_ordinal    1 
_pdbx_audit_revision_details.data_content_type   'Structure model' 
_pdbx_audit_revision_details.provider            repository 
_pdbx_audit_revision_details.type                'Initial release' 
_pdbx_audit_revision_details.description         ? 
_pdbx_audit_revision_details.details             ? 
# 
loop_
_pdbx_audit_revision_group.ordinal 
_pdbx_audit_revision_group.revision_ordinal 
_pdbx_audit_revision_group.data_content_type 
_pdbx_audit_revision_group.group 
1 2 'Structure model' 'Database references'  
2 3 'Structure model' 'Data collection'      
3 3 'Structure model' 'Database references'  
4 3 'Structure model' 'Derived calculations' 
# 
loop_
_pdbx_audit_revision_category.ordinal 
_pdbx_audit_revision_category.revision_ordinal 
_pdbx_audit_revision_category.data_content_type 
_pdbx_audit_revision_category.category 
1 3 'Structure model' chem_comp_atom         
2 3 'Structure model' chem_comp_bond         
3 3 'Structure model' database_2             
4 3 'Structure model' pdbx_struct_conn_angle 
5 3 'Structure model' struct_conn            
6 3 'Structure model' struct_site            
# 
loop_
_pdbx_audit_revision_item.ordinal 
_pdbx_audit_revision_item.revision_ordinal 
_pdbx_audit_revision_item.data_content_type 
_pdbx_audit_revision_item.item 
1  3 'Structure model' '_database_2.pdbx_DOI'                        
2  3 'Structure model' '_database_2.pdbx_database_accession'         
3  3 'Structure model' '_pdbx_struct_conn_angle.ptnr1_auth_asym_id'  
4  3 'Structure model' '_pdbx_struct_conn_angle.ptnr1_auth_comp_id'  
5  3 'Structure model' '_pdbx_struct_conn_angle.ptnr1_auth_seq_id'   
6  3 'Structure model' '_pdbx_struct_conn_angle.ptnr1_label_alt_id'  
7  3 'Structure model' '_pdbx_struct_conn_angle.ptnr1_label_asym_id' 
8  3 'Structure model' '_pdbx_struct_conn_angle.ptnr1_label_atom_id' 
9  3 'Structure model' '_pdbx_struct_conn_angle.ptnr1_label_comp_id' 
10 3 'Structure model' '_pdbx_struct_conn_angle.ptnr1_label_seq_id'  
11 3 'Structure model' '_pdbx_struct_conn_angle.ptnr2_auth_asym_id'  
12 3 'Structure model' '_pdbx_struct_conn_angle.ptnr2_auth_seq_id'   
13 3 'Structure model' '_pdbx_struct_conn_angle.ptnr2_label_asym_id' 
14 3 'Structure model' '_pdbx_struct_conn_angle.ptnr3_auth_asym_id'  
15 3 'Structure model' '_pdbx_struct_conn_angle.ptnr3_auth_comp_id'  
16 3 'Structure model' '_pdbx_struct_conn_angle.ptnr3_auth_seq_id'   
17 3 'Structure model' '_pdbx_struct_conn_angle.ptnr3_label_alt_id'  
18 3 'Structure model' '_pdbx_struct_conn_angle.ptnr3_label_asym_id' 
19 3 'Structure model' '_pdbx_struct_conn_angle.ptnr3_label_atom_id' 
20 3 'Structure model' '_pdbx_struct_conn_angle.ptnr3_label_comp_id' 
21 3 'Structure model' '_pdbx_struct_conn_angle.ptnr3_label_seq_id'  
22 3 'Structure model' '_pdbx_struct_conn_angle.value'               
23 3 'Structure model' '_struct_conn.pdbx_dist_value'                
24 3 'Structure model' '_struct_conn.ptnr1_auth_asym_id'             
25 3 'Structure model' '_struct_conn.ptnr1_auth_comp_id'             
26 3 'Structure model' '_struct_conn.ptnr1_auth_seq_id'              
27 3 'Structure model' '_struct_conn.ptnr1_label_asym_id'            
28 3 'Structure model' '_struct_conn.ptnr1_label_atom_id'            
29 3 'Structure model' '_struct_conn.ptnr1_label_comp_id'            
30 3 'Structure model' '_struct_conn.ptnr1_label_seq_id'             
31 3 'Structure model' '_struct_conn.ptnr2_auth_asym_id'             
32 3 'Structure model' '_struct_conn.ptnr2_auth_comp_id'             
33 3 'Structure model' '_struct_conn.ptnr2_auth_seq_id'              
34 3 'Structure model' '_struct_conn.ptnr2_label_asym_id'            
35 3 'Structure model' '_struct_conn.ptnr2_label_atom_id'            
36 3 'Structure model' '_struct_conn.ptnr2_label_comp_id'            
37 3 'Structure model' '_struct_conn.ptnr2_label_seq_id'             
38 3 'Structure model' '_struct_site.pdbx_auth_asym_id'              
39 3 'Structure model' '_struct_site.pdbx_auth_comp_id'              
40 3 'Structure model' '_struct_site.pdbx_auth_seq_id'               
# 
_pdbx_database_status.status_code                     REL 
_pdbx_database_status.entry_id                        3U0U 
_pdbx_database_status.recvd_initial_deposition_date   2011-09-29 
_pdbx_database_status.deposit_site                    RCSB 
_pdbx_database_status.process_site                    RCSB 
_pdbx_database_status.status_code_sf                  REL 
_pdbx_database_status.status_code_mr                  ? 
_pdbx_database_status.SG_entry                        ? 
_pdbx_database_status.status_code_cs                  ? 
_pdbx_database_status.pdb_format_compatible           Y 
_pdbx_database_status.status_code_nmr_data            ? 
_pdbx_database_status.methods_development_category    ? 
# 
loop_
_pdbx_database_related.db_name 
_pdbx_database_related.db_id 
_pdbx_database_related.details 
_pdbx_database_related.content_type 
PDB 3U05 . unspecified 
PDB 3U08 . unspecified 
# 
loop_
_audit_author.name 
_audit_author.pdbx_ordinal 
'Wei, D.G.'  1 
'Neidle, S.' 2 
# 
_citation.id                        primary 
_citation.title                     'Small-molecule binding to the DNA minor groove is mediated by a conserved water cluster.' 
_citation.journal_abbrev            J.Am.Chem.Soc. 
_citation.journal_volume            135 
_citation.page_first                1369 
_citation.page_last                 1377 
_citation.year                      2013 
_citation.journal_id_ASTM           JACSAT 
_citation.country                   US 
_citation.journal_id_ISSN           0002-7863 
_citation.journal_id_CSD            0004 
_citation.book_publisher            ? 
_citation.pdbx_database_id_PubMed   23276263 
_citation.pdbx_database_id_DOI      10.1021/ja308952y 
# 
loop_
_citation_author.citation_id 
_citation_author.name 
_citation_author.ordinal 
_citation_author.identifier_ORCID 
primary 'Wei, D.'      1 ? 
primary 'Wilson, W.D.' 2 ? 
primary 'Neidle, S.'   3 ? 
# 
loop_
_entity.id 
_entity.type 
_entity.src_method 
_entity.pdbx_description 
_entity.formula_weight 
_entity.pdbx_number_of_molecules 
_entity.pdbx_ec 
_entity.pdbx_mutation 
_entity.pdbx_fragment 
_entity.details 
1 polymer     syn "5'-D(*CP*GP*CP*GP*AP*AP*TP*TP*CP*GP*CP*G)-3'"                  3663.392 2   ? ? ? ? 
2 non-polymer syn "2-(4'-carbamimidoylbiphenyl-4-yl)-1H-indole-6-carboximidamide" 353.420  1   ? ? ? ? 
3 non-polymer syn 'MAGNESIUM ION'                                                 24.305   3   ? ? ? ? 
4 water       nat water                                                           18.015   142 ? ? ? ? 
# 
_entity_poly.entity_id                      1 
_entity_poly.type                           polydeoxyribonucleotide 
_entity_poly.nstd_linkage                   no 
_entity_poly.nstd_monomer                   no 
_entity_poly.pdbx_seq_one_letter_code       '(DC)(DG)(DC)(DG)(DA)(DA)(DT)(DT)(DC)(DG)(DC)(DG)' 
_entity_poly.pdbx_seq_one_letter_code_can   CGCGAATTCGCG 
_entity_poly.pdbx_strand_id                 A,B 
_entity_poly.pdbx_target_identifier         ? 
# 
loop_
_pdbx_entity_nonpoly.entity_id 
_pdbx_entity_nonpoly.name 
_pdbx_entity_nonpoly.comp_id 
2 "2-(4'-carbamimidoylbiphenyl-4-yl)-1H-indole-6-carboximidamide" D83 
3 'MAGNESIUM ION'                                                 MG  
4 water                                                           HOH 
# 
loop_
_entity_poly_seq.entity_id 
_entity_poly_seq.num 
_entity_poly_seq.mon_id 
_entity_poly_seq.hetero 
1 1  DC n 
1 2  DG n 
1 3  DC n 
1 4  DG n 
1 5  DA n 
1 6  DA n 
1 7  DT n 
1 8  DT n 
1 9  DC n 
1 10 DG n 
1 11 DC n 
1 12 DG n 
# 
_pdbx_entity_src_syn.entity_id              1 
_pdbx_entity_src_syn.pdbx_src_id            1 
_pdbx_entity_src_syn.pdbx_alt_source_flag   sample 
_pdbx_entity_src_syn.pdbx_beg_seq_num       ? 
_pdbx_entity_src_syn.pdbx_end_seq_num       ? 
_pdbx_entity_src_syn.organism_scientific    ? 
_pdbx_entity_src_syn.organism_common_name   ? 
_pdbx_entity_src_syn.ncbi_taxonomy_id       ? 
_pdbx_entity_src_syn.details                'This sequence occurs naturally in humans' 
# 
loop_
_chem_comp.id 
_chem_comp.type 
_chem_comp.mon_nstd_flag 
_chem_comp.name 
_chem_comp.pdbx_synonyms 
_chem_comp.formula 
_chem_comp.formula_weight 
D83 non-polymer   . "2-(4'-carbamimidoylbiphenyl-4-yl)-1H-indole-6-carboximidamide" ? 'C22 H19 N5'      353.420 
DA  'DNA linking' y "2'-DEOXYADENOSINE-5'-MONOPHOSPHATE"                            ? 'C10 H14 N5 O6 P' 331.222 
DC  'DNA linking' y "2'-DEOXYCYTIDINE-5'-MONOPHOSPHATE"                             ? 'C9 H14 N3 O7 P'  307.197 
DG  'DNA linking' y "2'-DEOXYGUANOSINE-5'-MONOPHOSPHATE"                            ? 'C10 H14 N5 O7 P' 347.221 
DT  'DNA linking' y "THYMIDINE-5'-MONOPHOSPHATE"                                    ? 'C10 H15 N2 O8 P' 322.208 
HOH non-polymer   . WATER                                                           ? 'H2 O'            18.015  
MG  non-polymer   . 'MAGNESIUM ION'                                                 ? 'Mg 2'            24.305  
# 
loop_
_pdbx_poly_seq_scheme.asym_id 
_pdbx_poly_seq_scheme.entity_id 
_pdbx_poly_seq_scheme.seq_id 
_pdbx_poly_seq_scheme.mon_id 
_pdbx_poly_seq_scheme.ndb_seq_num 
_pdbx_poly_seq_scheme.pdb_seq_num 
_pdbx_poly_seq_scheme.auth_seq_num 
_pdbx_poly_seq_scheme.pdb_mon_id 
_pdbx_poly_seq_scheme.auth_mon_id 
_pdbx_poly_seq_scheme.pdb_strand_id 
_pdbx_poly_seq_scheme.pdb_ins_code 
_pdbx_poly_seq_scheme.hetero 
A 1 1  DC 1  1  1  DC DC A . n 
A 1 2  DG 2  2  2  DG DG A . n 
A 1 3  DC 3  3  3  DC DC A . n 
A 1 4  DG 4  4  4  DG DG A . n 
A 1 5  DA 5  5  5  DA DA A . n 
A 1 6  DA 6  6  6  DA DA A . n 
A 1 7  DT 7  7  7  DT DT A . n 
A 1 8  DT 8  8  8  DT DT A . n 
A 1 9  DC 9  9  9  DC DC A . n 
A 1 10 DG 10 10 10 DG DG A . n 
A 1 11 DC 11 11 11 DC DC A . n 
A 1 12 DG 12 12 12 DG DG A . n 
B 1 1  DC 1  13 13 DC DC B . n 
B 1 2  DG 2  14 14 DG DG B . n 
B 1 3  DC 3  15 15 DC DC B . n 
B 1 4  DG 4  16 16 DG DG B . n 
B 1 5  DA 5  17 17 DA DA B . n 
B 1 6  DA 6  18 18 DA DA B . n 
B 1 7  DT 7  19 19 DT DT B . n 
B 1 8  DT 8  20 20 DT DT B . n 
B 1 9  DC 9  21 21 DC DC B . n 
B 1 10 DG 10 22 22 DG DG B . n 
B 1 11 DC 11 23 23 DC DC B . n 
B 1 12 DG 12 24 24 DG DG B . n 
# 
loop_
_pdbx_nonpoly_scheme.asym_id 
_pdbx_nonpoly_scheme.entity_id 
_pdbx_nonpoly_scheme.mon_id 
_pdbx_nonpoly_scheme.ndb_seq_num 
_pdbx_nonpoly_scheme.pdb_seq_num 
_pdbx_nonpoly_scheme.auth_seq_num 
_pdbx_nonpoly_scheme.pdb_mon_id 
_pdbx_nonpoly_scheme.auth_mon_id 
_pdbx_nonpoly_scheme.pdb_strand_id 
_pdbx_nonpoly_scheme.pdb_ins_code 
C 2 D83 1  13 1  D83 883 A . 
D 3 MG  1  14 1  MG  MG  A . 
E 3 MG  1  1  1  MG  MG  B . 
F 3 MG  1  25 1  MG  MG  B . 
G 4 HOH 1  15 15 HOH HOH A . 
G 4 HOH 2  16 16 HOH HOH A . 
G 4 HOH 3  17 17 HOH HOH A . 
G 4 HOH 4  18 1  HOH HOH A . 
G 4 HOH 5  19 19 HOH HOH A . 
G 4 HOH 6  20 20 HOH HOH A . 
G 4 HOH 7  21 21 HOH HOH A . 
G 4 HOH 8  22 2  HOH HOH A . 
G 4 HOH 9  23 4  HOH HOH A . 
G 4 HOH 10 24 8  HOH HOH A . 
G 4 HOH 11 25 25 HOH HOH A . 
G 4 HOH 12 26 26 HOH HOH A . 
G 4 HOH 13 27 9  HOH HOH A . 
G 4 HOH 14 28 10 HOH HOH A . 
G 4 HOH 15 29 29 HOH HOH A . 
G 4 HOH 16 30 11 HOH HOH A . 
G 4 HOH 17 31 13 HOH HOH A . 
G 4 HOH 18 32 4  HOH HOH A . 
G 4 HOH 19 33 33 HOH HOH A . 
G 4 HOH 20 34 34 HOH HOH A . 
G 4 HOH 21 35 6  HOH HOH A . 
G 4 HOH 22 36 36 HOH HOH A . 
G 4 HOH 23 37 37 HOH HOH A . 
G 4 HOH 24 38 38 HOH HOH A . 
G 4 HOH 25 39 39 HOH HOH A . 
G 4 HOH 26 40 7  HOH HOH A . 
G 4 HOH 27 41 41 HOH HOH A . 
G 4 HOH 28 42 42 HOH HOH A . 
G 4 HOH 29 43 43 HOH HOH A . 
G 4 HOH 30 44 44 HOH HOH A . 
G 4 HOH 31 45 11 HOH HOH A . 
G 4 HOH 32 46 13 HOH HOH A . 
G 4 HOH 33 47 47 HOH HOH A . 
G 4 HOH 34 48 48 HOH HOH A . 
G 4 HOH 35 49 49 HOH HOH A . 
G 4 HOH 36 50 50 HOH HOH A . 
G 4 HOH 37 51 51 HOH HOH A . 
G 4 HOH 38 52 20 HOH HOH A . 
G 4 HOH 39 53 21 HOH HOH A . 
G 4 HOH 40 54 29 HOH HOH A . 
G 4 HOH 41 55 3  HOH HOH A . 
G 4 HOH 42 56 7  HOH HOH A . 
G 4 HOH 43 57 9  HOH HOH A . 
G 4 HOH 44 58 2  HOH HOH A . 
G 4 HOH 45 59 3  HOH HOH A . 
G 4 HOH 46 60 1  HOH HOH A . 
G 4 HOH 47 61 4  HOH HOH A . 
G 4 HOH 48 62 8  HOH HOH A . 
G 4 HOH 49 63 1  HOH HOH A . 
G 4 HOH 50 64 2  HOH HOH A . 
G 4 HOH 51 65 7  HOH HOH A . 
G 4 HOH 52 66 3  HOH HOH A . 
G 4 HOH 53 67 4  HOH HOH A . 
G 4 HOH 54 68 6  HOH HOH A . 
G 4 HOH 55 69 7  HOH HOH A . 
G 4 HOH 56 70 1  HOH HOH A . 
G 4 HOH 57 71 5  HOH HOH A . 
G 4 HOH 58 72 1  HOH HOH A . 
G 4 HOH 59 73 2  HOH HOH A . 
G 4 HOH 60 74 3  HOH HOH A . 
G 4 HOH 61 75 5  HOH HOH A . 
G 4 HOH 62 76 1  HOH HOH A . 
G 4 HOH 63 77 1  HOH HOH A . 
G 4 HOH 64 78 2  HOH HOH A . 
G 4 HOH 65 79 1  HOH HOH A . 
H 4 HOH 1  2  2  HOH HOH B . 
H 4 HOH 2  3  3  HOH HOH B . 
H 4 HOH 3  4  4  HOH HOH B . 
H 4 HOH 4  5  5  HOH HOH B . 
H 4 HOH 5  6  6  HOH HOH B . 
H 4 HOH 6  7  7  HOH HOH B . 
H 4 HOH 7  8  8  HOH HOH B . 
H 4 HOH 8  9  9  HOH HOH B . 
H 4 HOH 9  10 10 HOH HOH B . 
H 4 HOH 10 11 11 HOH HOH B . 
H 4 HOH 11 12 12 HOH HOH B . 
H 4 HOH 12 26 14 HOH HOH B . 
H 4 HOH 13 27 27 HOH HOH B . 
H 4 HOH 14 28 28 HOH HOH B . 
H 4 HOH 15 29 22 HOH HOH B . 
H 4 HOH 16 30 30 HOH HOH B . 
H 4 HOH 17 31 31 HOH HOH B . 
H 4 HOH 18 32 32 HOH HOH B . 
H 4 HOH 19 33 23 HOH HOH B . 
H 4 HOH 20 34 1  HOH HOH B . 
H 4 HOH 21 35 3  HOH HOH B . 
H 4 HOH 22 36 36 HOH HOH B . 
H 4 HOH 23 37 1  HOH HOH B . 
H 4 HOH 24 38 38 HOH HOH B . 
H 4 HOH 25 39 39 HOH HOH B . 
H 4 HOH 26 40 2  HOH HOH B . 
H 4 HOH 27 41 5  HOH HOH B . 
H 4 HOH 28 42 12 HOH HOH B . 
H 4 HOH 29 43 14 HOH HOH B . 
H 4 HOH 30 44 15 HOH HOH B . 
H 4 HOH 31 45 45 HOH HOH B . 
H 4 HOH 32 46 46 HOH HOH B . 
H 4 HOH 33 47 17 HOH HOH B . 
H 4 HOH 34 48 48 HOH HOH B . 
H 4 HOH 35 49 49 HOH HOH B . 
H 4 HOH 36 50 18 HOH HOH B . 
H 4 HOH 37 51 51 HOH HOH B . 
H 4 HOH 38 52 52 HOH HOH B . 
H 4 HOH 39 53 53 HOH HOH B . 
H 4 HOH 40 54 54 HOH HOH B . 
H 4 HOH 41 55 19 HOH HOH B . 
H 4 HOH 42 56 22 HOH HOH B . 
H 4 HOH 43 57 23 HOH HOH B . 
H 4 HOH 44 58 24 HOH HOH B . 
H 4 HOH 45 59 28 HOH HOH B . 
H 4 HOH 46 60 32 HOH HOH B . 
H 4 HOH 47 61 1  HOH HOH B . 
H 4 HOH 48 62 2  HOH HOH B . 
H 4 HOH 49 63 5  HOH HOH B . 
H 4 HOH 50 64 4  HOH HOH B . 
H 4 HOH 51 65 5  HOH HOH B . 
H 4 HOH 52 66 1  HOH HOH B . 
H 4 HOH 53 67 2  HOH HOH B . 
H 4 HOH 54 68 3  HOH HOH B . 
H 4 HOH 55 69 5  HOH HOH B . 
H 4 HOH 56 70 6  HOH HOH B . 
H 4 HOH 57 71 2  HOH HOH B . 
H 4 HOH 58 72 3  HOH HOH B . 
H 4 HOH 59 73 4  HOH HOH B . 
H 4 HOH 60 74 5  HOH HOH B . 
H 4 HOH 61 75 6  HOH HOH B . 
H 4 HOH 62 76 4  HOH HOH B . 
H 4 HOH 63 77 5  HOH HOH B . 
H 4 HOH 64 78 6  HOH HOH B . 
H 4 HOH 65 79 1  HOH HOH B . 
H 4 HOH 66 80 2  HOH HOH B . 
H 4 HOH 67 81 5  HOH HOH B . 
H 4 HOH 68 82 2  HOH HOH B . 
H 4 HOH 69 83 3  HOH HOH B . 
H 4 HOH 70 84 4  HOH HOH B . 
H 4 HOH 71 85 2  HOH HOH B . 
H 4 HOH 72 86 1  HOH HOH B . 
H 4 HOH 73 87 3  HOH HOH B . 
H 4 HOH 74 88 5  HOH HOH B . 
H 4 HOH 75 89 6  HOH HOH B . 
H 4 HOH 76 90 10 HOH HOH B . 
H 4 HOH 77 91 12 HOH HOH B . 
# 
loop_
_software.name 
_software.classification 
_software.version 
_software.citation_id 
_software.pdbx_ordinal 
DNA    'data collection' .        ? 1 
PHASES phasing           .        ? 2 
REFMAC refinement        5.5.0109 ? 3 
xia2   'data reduction'  .        ? 4 
SCALA  'data scaling'    .        ? 5 
# 
_cell.entry_id           3U0U 
_cell.length_a           23.940 
_cell.length_b           39.690 
_cell.length_c           65.640 
_cell.angle_alpha        90.00 
_cell.angle_beta         90.00 
_cell.angle_gamma        90.00 
_cell.Z_PDB              8 
_cell.pdbx_unique_axis   ? 
_cell.length_a_esd       ? 
_cell.length_b_esd       ? 
_cell.length_c_esd       ? 
_cell.angle_alpha_esd    ? 
_cell.angle_beta_esd     ? 
_cell.angle_gamma_esd    ? 
# 
_symmetry.entry_id                         3U0U 
_symmetry.space_group_name_H-M             'P 21 21 21' 
_symmetry.pdbx_full_space_group_name_H-M   ? 
_symmetry.cell_setting                     ? 
_symmetry.Int_Tables_number                19 
_symmetry.space_group_name_Hall            ? 
# 
_exptl.entry_id          3U0U 
_exptl.method            'X-RAY DIFFRACTION' 
_exptl.crystals_number   1 
# 
_exptl_crystal.id                    1 
_exptl_crystal.density_meas          ? 
_exptl_crystal.density_Matthews      2.13 
_exptl_crystal.density_percent_sol   42.20 
_exptl_crystal.description           ? 
_exptl_crystal.F_000                 ? 
_exptl_crystal.preparation           ? 
# 
_exptl_crystal_grow.crystal_id      1 
_exptl_crystal_grow.method          'VAPOR DIFFUSION, HANGING DROP' 
_exptl_crystal_grow.temp            283 
_exptl_crystal_grow.temp_details    ? 
_exptl_crystal_grow.pH              6.5 
_exptl_crystal_grow.pdbx_details    
'MAGNESIUM CHLORIDE, DNA, DB1963, MPD, SODIUM CACODYLATE BUFFER, pH 6.5, VAPOR DIFFUSION, HANGING DROP, temperature 283K' 
_exptl_crystal_grow.pdbx_pH_range   ? 
# 
_diffrn.id                     1 
_diffrn.ambient_temp           100 
_diffrn.ambient_temp_details   ? 
_diffrn.crystal_id             1 
# 
_diffrn_detector.diffrn_id              1 
_diffrn_detector.detector               PIXEL 
_diffrn_detector.type                   'DECTRIS PILATUS 6M' 
_diffrn_detector.pdbx_collection_date   2011-01-01 
_diffrn_detector.details                ? 
# 
_diffrn_radiation.diffrn_id                        1 
_diffrn_radiation.wavelength_id                    1 
_diffrn_radiation.pdbx_monochromatic_or_laue_m_l   M 
_diffrn_radiation.monochromator                    'Si 111 CHANNEL' 
_diffrn_radiation.pdbx_diffrn_protocol             'SINGLE WAVELENGTH' 
_diffrn_radiation.pdbx_scattering_type             x-ray 
# 
_diffrn_radiation_wavelength.id           1 
_diffrn_radiation_wavelength.wavelength   0.9796 
_diffrn_radiation_wavelength.wt           1.0 
# 
_diffrn_source.diffrn_id                   1 
_diffrn_source.source                      SYNCHROTRON 
_diffrn_source.type                        'DIAMOND BEAMLINE I24' 
_diffrn_source.pdbx_synchrotron_site       Diamond 
_diffrn_source.pdbx_synchrotron_beamline   I24 
_diffrn_source.pdbx_wavelength             ? 
_diffrn_source.pdbx_wavelength_list        0.9796 
# 
_reflns.entry_id                     3U0U 
_reflns.observed_criterion_sigma_I   0 
_reflns.observed_criterion_sigma_F   0 
_reflns.d_resolution_low             39.69 
_reflns.d_resolution_high            1.15 
_reflns.number_obs                   32424 
_reflns.number_all                   42748 
_reflns.percent_possible_obs         75.8 
_reflns.pdbx_Rmerge_I_obs            ? 
_reflns.pdbx_Rsym_value              ? 
_reflns.pdbx_netI_over_sigmaI        ? 
_reflns.B_iso_Wilson_estimate        ? 
_reflns.pdbx_redundancy              ? 
_reflns.R_free_details               ? 
_reflns.limit_h_max                  ? 
_reflns.limit_h_min                  ? 
_reflns.limit_k_max                  ? 
_reflns.limit_k_min                  ? 
_reflns.limit_l_max                  ? 
_reflns.limit_l_min                  ? 
_reflns.observed_criterion_F_max     ? 
_reflns.observed_criterion_F_min     ? 
_reflns.pdbx_chi_squared             ? 
_reflns.pdbx_scaling_rejects         ? 
_reflns.pdbx_ordinal                 1 
_reflns.pdbx_diffrn_id               1 
# 
loop_
_reflns_shell.d_res_high 
_reflns_shell.d_res_low 
_reflns_shell.percent_possible_all 
_reflns_shell.Rmerge_I_obs 
_reflns_shell.pdbx_Rsym_value 
_reflns_shell.meanI_over_sigI_obs 
_reflns_shell.pdbx_redundancy 
_reflns_shell.percent_possible_obs 
_reflns_shell.number_unique_all 
_reflns_shell.number_measured_all 
_reflns_shell.number_measured_obs 
_reflns_shell.number_unique_obs 
_reflns_shell.pdbx_chi_squared 
_reflns_shell.pdbx_ordinal 
_reflns_shell.pdbx_diffrn_id 
1.15 1.18 8.9  ? ? ? ? ? 3155 ? ? ? ? 1 1 
1.18 1.21 26.3 ? ? ? ? ? 3095 ? ? ? ? 2 1 
1.21 1.25 43.7 ? ? ? ? ? 3004 ? ? ? ? 3 1 
1.25 1.29 62.3 ? ? ? ? ? 2888 ? ? ? ? 4 1 
1.29 1.33 77.8 ? ? ? ? ? 2838 ? ? ? ? 5 1 
1.33 1.38 87.8 ? ? ? ? ? 2710 ? ? ? ? 6 1 
# 
_refine.entry_id                                 3U0U 
_refine.ls_number_reflns_obs                     15901 
_refine.ls_number_reflns_all                     ? 
_refine.pdbx_ls_sigma_I                          ? 
_refine.pdbx_ls_sigma_F                          0 
_refine.pdbx_data_cutoff_high_absF               ? 
_refine.pdbx_data_cutoff_low_absF                ? 
_refine.pdbx_data_cutoff_high_rms_absF           ? 
_refine.ls_d_res_low                             15.16 
_refine.ls_d_res_high                            1.24 
_refine.ls_percent_reflns_obs                    92.04 
_refine.ls_R_factor_obs                          0.21156 
_refine.ls_R_factor_all                          ? 
_refine.ls_R_factor_R_work                       0.20993 
_refine.ls_R_factor_R_free                       0.24181 
_refine.ls_R_factor_R_free_error                 ? 
_refine.ls_R_factor_R_free_error_details         ? 
_refine.ls_percent_reflns_R_free                 5.1 
_refine.ls_number_reflns_R_free                  857 
_refine.ls_number_parameters                     ? 
_refine.ls_number_restraints                     ? 
_refine.occupancy_min                            ? 
_refine.occupancy_max                            ? 
_refine.correlation_coeff_Fo_to_Fc               0.958 
_refine.correlation_coeff_Fo_to_Fc_free          0.948 
_refine.B_iso_mean                               18.211 
_refine.aniso_B[1][1]                            0.00 
_refine.aniso_B[2][2]                            0.00 
_refine.aniso_B[3][3]                            0.00 
_refine.aniso_B[1][2]                            0.00 
_refine.aniso_B[1][3]                            0.00 
_refine.aniso_B[2][3]                            0.00 
_refine.solvent_model_details                    MASK 
_refine.solvent_model_param_ksol                 ? 
_refine.solvent_model_param_bsol                 ? 
_refine.pdbx_solvent_vdw_probe_radii             1.40 
_refine.pdbx_solvent_ion_probe_radii             0.80 
_refine.pdbx_solvent_shrinkage_radii             0.80 
_refine.pdbx_ls_cross_valid_method               THROUGHOUT 
_refine.details                                  'HYDROGENS HAVE BEEN ADDED IN THE RIDING POSITIONS' 
_refine.pdbx_starting_model                      ? 
_refine.pdbx_method_to_determine_struct          'MOLECULAR REPLACEMENT' 
_refine.pdbx_isotropic_thermal_model             ? 
_refine.pdbx_stereochemistry_target_values       'MAXIMUM LIKELIHOOD' 
_refine.pdbx_stereochem_target_val_spec_case     ? 
_refine.pdbx_R_Free_selection_details            RANDOM 
_refine.pdbx_overall_ESU_R_Free                  0.064 
_refine.overall_SU_ML                            0.044 
_refine.pdbx_overall_phase_error                 ? 
_refine.overall_SU_B                             1.002 
_refine.overall_SU_R_Cruickshank_DPI             ? 
_refine.ls_redundancy_reflns_obs                 ? 
_refine.B_iso_min                                ? 
_refine.B_iso_max                                ? 
_refine.overall_SU_R_free                        ? 
_refine.ls_wR_factor_R_free                      ? 
_refine.ls_wR_factor_R_work                      ? 
_refine.overall_FOM_free_R_set                   ? 
_refine.overall_FOM_work_R_set                   ? 
_refine.pdbx_diffrn_id                           1 
_refine.pdbx_refine_id                           'X-RAY DIFFRACTION' 
_refine.pdbx_overall_ESU_R                       ? 
_refine.pdbx_TLS_residual_ADP_flag               ? 
_refine.pdbx_overall_SU_R_free_Cruickshank_DPI   ? 
_refine.pdbx_overall_SU_R_Blow_DPI               ? 
_refine.pdbx_overall_SU_R_free_Blow_DPI          ? 
# 
_refine_hist.pdbx_refine_id                   'X-RAY DIFFRACTION' 
_refine_hist.cycle_id                         LAST 
_refine_hist.pdbx_number_atoms_protein        0 
_refine_hist.pdbx_number_atoms_nucleic_acid   486 
_refine_hist.pdbx_number_atoms_ligand         30 
_refine_hist.number_atoms_solvent             142 
_refine_hist.number_atoms_total               658 
_refine_hist.d_res_high                       1.24 
_refine_hist.d_res_low                        15.16 
# 
loop_
_refine_ls_restr.type 
_refine_ls_restr.dev_ideal 
_refine_ls_restr.dev_ideal_target 
_refine_ls_restr.weight 
_refine_ls_restr.number 
_refine_ls_restr.pdbx_restraint_function 
_refine_ls_restr.pdbx_refine_id 
r_bond_refined_d             0.012 0.021 ? 574 ? 'X-RAY DIFFRACTION' 
r_bond_other_d               ?     ?     ? ?   ? 'X-RAY DIFFRACTION' 
r_angle_refined_deg          1.236 3.000 ? 879 ? 'X-RAY DIFFRACTION' 
r_angle_other_deg            ?     ?     ? ?   ? 'X-RAY DIFFRACTION' 
r_dihedral_angle_1_deg       ?     ?     ? ?   ? 'X-RAY DIFFRACTION' 
r_dihedral_angle_2_deg       ?     ?     ? ?   ? 'X-RAY DIFFRACTION' 
r_dihedral_angle_3_deg       ?     ?     ? ?   ? 'X-RAY DIFFRACTION' 
r_dihedral_angle_4_deg       ?     ?     ? ?   ? 'X-RAY DIFFRACTION' 
r_chiral_restr               0.060 0.200 ? 94  ? 'X-RAY DIFFRACTION' 
r_gen_planes_refined         0.017 0.020 ? 287 ? 'X-RAY DIFFRACTION' 
r_gen_planes_other           ?     ?     ? ?   ? 'X-RAY DIFFRACTION' 
r_nbd_refined                ?     ?     ? ?   ? 'X-RAY DIFFRACTION' 
r_nbd_other                  ?     ?     ? ?   ? 'X-RAY DIFFRACTION' 
r_nbtor_refined              ?     ?     ? ?   ? 'X-RAY DIFFRACTION' 
r_nbtor_other                ?     ?     ? ?   ? 'X-RAY DIFFRACTION' 
r_xyhbond_nbd_refined        ?     ?     ? ?   ? 'X-RAY DIFFRACTION' 
r_xyhbond_nbd_other          ?     ?     ? ?   ? 'X-RAY DIFFRACTION' 
r_metal_ion_refined          ?     ?     ? ?   ? 'X-RAY DIFFRACTION' 
r_metal_ion_other            ?     ?     ? ?   ? 'X-RAY DIFFRACTION' 
r_symmetry_vdw_refined       ?     ?     ? ?   ? 'X-RAY DIFFRACTION' 
r_symmetry_vdw_other         ?     ?     ? ?   ? 'X-RAY DIFFRACTION' 
r_symmetry_hbond_refined     ?     ?     ? ?   ? 'X-RAY DIFFRACTION' 
r_symmetry_hbond_other       ?     ?     ? ?   ? 'X-RAY DIFFRACTION' 
r_symmetry_metal_ion_refined ?     ?     ? ?   ? 'X-RAY DIFFRACTION' 
r_symmetry_metal_ion_other   ?     ?     ? ?   ? 'X-RAY DIFFRACTION' 
r_mcbond_it                  ?     ?     ? ?   ? 'X-RAY DIFFRACTION' 
r_mcbond_other               ?     ?     ? ?   ? 'X-RAY DIFFRACTION' 
r_mcangle_it                 ?     ?     ? ?   ? 'X-RAY DIFFRACTION' 
r_scbond_it                  1.585 3.000 ? 574 ? 'X-RAY DIFFRACTION' 
r_scangle_it                 2.325 4.500 ? 879 ? 'X-RAY DIFFRACTION' 
r_rigid_bond_restr           ?     ?     ? ?   ? 'X-RAY DIFFRACTION' 
r_sphericity_free            ?     ?     ? ?   ? 'X-RAY DIFFRACTION' 
r_sphericity_bonded          ?     ?     ? ?   ? 'X-RAY DIFFRACTION' 
# 
_refine_ls_shell.pdbx_total_number_of_bins_used   20 
_refine_ls_shell.d_res_high                       1.244 
_refine_ls_shell.d_res_low                        1.276 
_refine_ls_shell.number_reflns_R_work             857 
_refine_ls_shell.R_factor_R_work                  0.308 
_refine_ls_shell.percent_reflns_obs               69.04 
_refine_ls_shell.R_factor_R_free                  0.342 
_refine_ls_shell.R_factor_R_free_error            ? 
_refine_ls_shell.percent_reflns_R_free            ? 
_refine_ls_shell.number_reflns_R_free             53 
_refine_ls_shell.number_reflns_all                ? 
_refine_ls_shell.R_factor_all                     ? 
_refine_ls_shell.number_reflns_obs                ? 
_refine_ls_shell.redundancy_reflns_obs            ? 
_refine_ls_shell.pdbx_refine_id                   'X-RAY DIFFRACTION' 
# 
_struct.entry_id                  3U0U 
_struct.title                     'Crystal structure of the DB1883-D(CGCGAATTCGCG)2 complex at 1.24 A resolution' 
_struct.pdbx_model_details        ? 
_struct.pdbx_CASP_flag            ? 
_struct.pdbx_model_type_details   ? 
# 
_struct_keywords.entry_id        3U0U 
_struct_keywords.pdbx_keywords   DNA 
_struct_keywords.text            'DOUBLE HELIX, MINOR GROOVE, DNA MINOR GROOVE BINDER, DB1883, Mg2+, DNA' 
# 
loop_
_struct_asym.id 
_struct_asym.pdbx_blank_PDB_chainid_flag 
_struct_asym.pdbx_modified 
_struct_asym.entity_id 
_struct_asym.details 
A N N 1 ? 
B N N 1 ? 
C N N 2 ? 
D N N 3 ? 
E N N 3 ? 
F N N 3 ? 
G N N 4 ? 
H N N 4 ? 
# 
_struct_ref.id                         1 
_struct_ref.db_name                    PDB 
_struct_ref.db_code                    3U0U 
_struct_ref.pdbx_db_accession          3U0U 
_struct_ref.entity_id                  1 
_struct_ref.pdbx_align_begin           ? 
_struct_ref.pdbx_seq_one_letter_code   CGCGAATTCGCG 
_struct_ref.pdbx_db_isoform            ? 
# 
loop_
_struct_ref_seq.align_id 
_struct_ref_seq.ref_id 
_struct_ref_seq.pdbx_PDB_id_code 
_struct_ref_seq.pdbx_strand_id 
_struct_ref_seq.seq_align_beg 
_struct_ref_seq.pdbx_seq_align_beg_ins_code 
_struct_ref_seq.seq_align_end 
_struct_ref_seq.pdbx_seq_align_end_ins_code 
_struct_ref_seq.pdbx_db_accession 
_struct_ref_seq.db_align_beg 
_struct_ref_seq.pdbx_db_align_beg_ins_code 
_struct_ref_seq.db_align_end 
_struct_ref_seq.pdbx_db_align_end_ins_code 
_struct_ref_seq.pdbx_auth_seq_align_beg 
_struct_ref_seq.pdbx_auth_seq_align_end 
1 1 3U0U A 1 ? 12 ? 3U0U 1  ? 12 ? 1  12 
2 1 3U0U B 1 ? 12 ? 3U0U 13 ? 24 ? 13 24 
# 
_pdbx_struct_assembly.id                   1 
_pdbx_struct_assembly.details              author_and_software_defined_assembly 
_pdbx_struct_assembly.method_details       PISA 
_pdbx_struct_assembly.oligomeric_details   dimeric 
_pdbx_struct_assembly.oligomeric_count     2 
# 
loop_
_pdbx_struct_assembly_prop.biol_id 
_pdbx_struct_assembly_prop.type 
_pdbx_struct_assembly_prop.value 
_pdbx_struct_assembly_prop.details 
1 'ABSA (A^2)' 1620 ? 
1 MORE         -16  ? 
1 'SSA (A^2)'  4520 ? 
# 
_pdbx_struct_assembly_gen.assembly_id       1 
_pdbx_struct_assembly_gen.oper_expression   1 
_pdbx_struct_assembly_gen.asym_id_list      A,B,C,D,E,F,G,H 
# 
_pdbx_struct_oper_list.id                   1 
_pdbx_struct_oper_list.type                 'identity operation' 
_pdbx_struct_oper_list.name                 1_555 
_pdbx_struct_oper_list.symmetry_operation   x,y,z 
_pdbx_struct_oper_list.matrix[1][1]         1.0000000000 
_pdbx_struct_oper_list.matrix[1][2]         0.0000000000 
_pdbx_struct_oper_list.matrix[1][3]         0.0000000000 
_pdbx_struct_oper_list.vector[1]            0.0000000000 
_pdbx_struct_oper_list.matrix[2][1]         0.0000000000 
_pdbx_struct_oper_list.matrix[2][2]         1.0000000000 
_pdbx_struct_oper_list.matrix[2][3]         0.0000000000 
_pdbx_struct_oper_list.vector[2]            0.0000000000 
_pdbx_struct_oper_list.matrix[3][1]         0.0000000000 
_pdbx_struct_oper_list.matrix[3][2]         0.0000000000 
_pdbx_struct_oper_list.matrix[3][3]         1.0000000000 
_pdbx_struct_oper_list.vector[3]            0.0000000000 
# 
_struct_biol.id        1 
_struct_biol.details   ? 
# 
loop_
_struct_conn.id 
_struct_conn.conn_type_id 
_struct_conn.pdbx_leaving_atom_flag 
_struct_conn.pdbx_PDB_id 
_struct_conn.ptnr1_label_asym_id 
_struct_conn.ptnr1_label_comp_id 
_struct_conn.ptnr1_label_seq_id 
_struct_conn.ptnr1_label_atom_id 
_struct_conn.pdbx_ptnr1_label_alt_id 
_struct_conn.pdbx_ptnr1_PDB_ins_code 
_struct_conn.pdbx_ptnr1_standard_comp_id 
_struct_conn.ptnr1_symmetry 
_struct_conn.ptnr2_label_asym_id 
_struct_conn.ptnr2_label_comp_id 
_struct_conn.ptnr2_label_seq_id 
_struct_conn.ptnr2_label_atom_id 
_struct_conn.pdbx_ptnr2_label_alt_id 
_struct_conn.pdbx_ptnr2_PDB_ins_code 
_struct_conn.ptnr1_auth_asym_id 
_struct_conn.ptnr1_auth_comp_id 
_struct_conn.ptnr1_auth_seq_id 
_struct_conn.ptnr2_auth_asym_id 
_struct_conn.ptnr2_auth_comp_id 
_struct_conn.ptnr2_auth_seq_id 
_struct_conn.ptnr2_symmetry 
_struct_conn.pdbx_ptnr3_label_atom_id 
_struct_conn.pdbx_ptnr3_label_seq_id 
_struct_conn.pdbx_ptnr3_label_comp_id 
_struct_conn.pdbx_ptnr3_label_asym_id 
_struct_conn.pdbx_ptnr3_label_alt_id 
_struct_conn.pdbx_ptnr3_PDB_ins_code 
_struct_conn.details 
_struct_conn.pdbx_dist_value 
_struct_conn.pdbx_value_order 
_struct_conn.pdbx_role 
metalc1  metalc ? ? D MG  .  MG  ? ? ? 1_555 G HOH .  O   ? ? A MG  14 A HOH 18 1_555 ? ? ? ? ? ? ?            2.080 ? ? 
metalc2  metalc ? ? D MG  .  MG  ? ? ? 1_555 G HOH .  O   ? ? A MG  14 A HOH 32 1_555 ? ? ? ? ? ? ?            2.068 ? ? 
metalc3  metalc ? ? D MG  .  MG  ? ? ? 1_555 H HOH .  O   ? ? A MG  14 B HOH 2  1_555 ? ? ? ? ? ? ?            2.044 ? ? 
metalc4  metalc ? ? D MG  .  MG  ? ? ? 1_555 H HOH .  O   ? ? A MG  14 B HOH 5  1_555 ? ? ? ? ? ? ?            2.045 ? ? 
metalc5  metalc ? ? D MG  .  MG  ? ? ? 1_555 H HOH .  O   ? ? A MG  14 B HOH 34 1_555 ? ? ? ? ? ? ?            2.071 ? ? 
metalc6  metalc ? ? D MG  .  MG  ? ? ? 1_555 H HOH .  O   ? ? A MG  14 B HOH 35 1_555 ? ? ? ? ? ? ?            2.076 ? ? 
metalc7  metalc ? ? E MG  .  MG  ? ? ? 1_555 B DC  9  OP1 ? ? B MG  1  B DC  21 1_555 ? ? ? ? ? ? ?            2.484 ? ? 
metalc8  metalc ? ? E MG  .  MG  ? ? ? 1_555 H HOH .  O   ? ? B MG  1  B HOH 86 1_555 ? ? ? ? ? ? ?            2.280 ? ? 
metalc9  metalc ? ? E MG  .  MG  ? ? ? 1_555 H HOH .  O   ? ? B MG  1  B HOH 87 1_555 ? ? ? ? ? ? ?            2.076 ? ? 
metalc10 metalc ? ? E MG  .  MG  ? ? ? 1_555 H HOH .  O   B ? B MG  1  B HOH 88 1_555 ? ? ? ? ? ? ?            2.205 ? ? 
metalc11 metalc ? ? H HOH .  O   ? ? ? 1_555 F MG  .  MG  ? ? B HOH 9  B MG  25 1_555 ? ? ? ? ? ? ?            2.227 ? ? 
metalc12 metalc ? ? B DG  4  OP2 ? ? ? 1_555 F MG  .  MG  ? ? B DG  16 B MG  25 1_555 ? ? ? ? ? ? ?            2.018 ? ? 
metalc13 metalc ? ? F MG  .  MG  ? ? ? 1_555 H HOH .  O   ? ? B MG  25 B HOH 90 1_555 ? ? ? ? ? ? ?            2.302 ? ? 
metalc14 metalc ? ? F MG  .  MG  ? ? ? 1_555 H HOH .  O   ? ? B MG  25 B HOH 91 1_555 ? ? ? ? ? ? ?            2.358 ? ? 
hydrog1  hydrog ? ? A DC  1  N3  ? ? ? 1_555 B DG  12 N1  ? ? A DC  1  B DG  24 1_555 ? ? ? ? ? ? WATSON-CRICK ?     ? ? 
hydrog2  hydrog ? ? A DC  1  N4  ? ? ? 1_555 B DG  12 O6  ? ? A DC  1  B DG  24 1_555 ? ? ? ? ? ? WATSON-CRICK ?     ? ? 
hydrog3  hydrog ? ? A DC  1  O2  ? ? ? 1_555 B DG  12 N2  ? ? A DC  1  B DG  24 1_555 ? ? ? ? ? ? WATSON-CRICK ?     ? ? 
hydrog4  hydrog ? ? A DG  2  N1  ? ? ? 1_555 B DC  11 N3  ? ? A DG  2  B DC  23 1_555 ? ? ? ? ? ? WATSON-CRICK ?     ? ? 
hydrog5  hydrog ? ? A DG  2  N2  ? ? ? 1_555 B DC  11 O2  ? ? A DG  2  B DC  23 1_555 ? ? ? ? ? ? WATSON-CRICK ?     ? ? 
hydrog6  hydrog ? ? A DG  2  O6  ? ? ? 1_555 B DC  11 N4  ? ? A DG  2  B DC  23 1_555 ? ? ? ? ? ? WATSON-CRICK ?     ? ? 
hydrog7  hydrog ? ? A DC  3  N3  ? ? ? 1_555 B DG  10 N1  ? ? A DC  3  B DG  22 1_555 ? ? ? ? ? ? WATSON-CRICK ?     ? ? 
hydrog8  hydrog ? ? A DC  3  N4  ? ? ? 1_555 B DG  10 O6  ? ? A DC  3  B DG  22 1_555 ? ? ? ? ? ? WATSON-CRICK ?     ? ? 
hydrog9  hydrog ? ? A DC  3  O2  ? ? ? 1_555 B DG  10 N2  ? ? A DC  3  B DG  22 1_555 ? ? ? ? ? ? WATSON-CRICK ?     ? ? 
hydrog10 hydrog ? ? A DG  4  N1  ? ? ? 1_555 B DC  9  N3  ? ? A DG  4  B DC  21 1_555 ? ? ? ? ? ? WATSON-CRICK ?     ? ? 
hydrog11 hydrog ? ? A DG  4  N2  ? ? ? 1_555 B DC  9  O2  ? ? A DG  4  B DC  21 1_555 ? ? ? ? ? ? WATSON-CRICK ?     ? ? 
hydrog12 hydrog ? ? A DG  4  O6  ? ? ? 1_555 B DC  9  N4  ? ? A DG  4  B DC  21 1_555 ? ? ? ? ? ? WATSON-CRICK ?     ? ? 
hydrog13 hydrog ? ? A DA  5  N1  ? ? ? 1_555 B DT  8  N3  ? ? A DA  5  B DT  20 1_555 ? ? ? ? ? ? WATSON-CRICK ?     ? ? 
hydrog14 hydrog ? ? A DA  5  N6  ? ? ? 1_555 B DT  8  O4  ? ? A DA  5  B DT  20 1_555 ? ? ? ? ? ? WATSON-CRICK ?     ? ? 
hydrog15 hydrog ? ? A DA  6  N1  ? ? ? 1_555 B DT  7  N3  ? ? A DA  6  B DT  19 1_555 ? ? ? ? ? ? WATSON-CRICK ?     ? ? 
hydrog16 hydrog ? ? A DA  6  N6  ? ? ? 1_555 B DT  7  O4  ? ? A DA  6  B DT  19 1_555 ? ? ? ? ? ? WATSON-CRICK ?     ? ? 
hydrog17 hydrog ? ? A DT  7  N3  ? ? ? 1_555 B DA  6  N1  ? ? A DT  7  B DA  18 1_555 ? ? ? ? ? ? WATSON-CRICK ?     ? ? 
hydrog18 hydrog ? ? A DT  7  O4  ? ? ? 1_555 B DA  6  N6  ? ? A DT  7  B DA  18 1_555 ? ? ? ? ? ? WATSON-CRICK ?     ? ? 
hydrog19 hydrog ? ? A DT  8  N3  ? ? ? 1_555 B DA  5  N1  ? ? A DT  8  B DA  17 1_555 ? ? ? ? ? ? WATSON-CRICK ?     ? ? 
hydrog20 hydrog ? ? A DT  8  O4  ? ? ? 1_555 B DA  5  N6  ? ? A DT  8  B DA  17 1_555 ? ? ? ? ? ? WATSON-CRICK ?     ? ? 
hydrog21 hydrog ? ? A DC  9  N3  ? ? ? 1_555 B DG  4  N1  ? ? A DC  9  B DG  16 1_555 ? ? ? ? ? ? WATSON-CRICK ?     ? ? 
hydrog22 hydrog ? ? A DC  9  N4  ? ? ? 1_555 B DG  4  O6  ? ? A DC  9  B DG  16 1_555 ? ? ? ? ? ? WATSON-CRICK ?     ? ? 
hydrog23 hydrog ? ? A DC  9  O2  ? ? ? 1_555 B DG  4  N2  ? ? A DC  9  B DG  16 1_555 ? ? ? ? ? ? WATSON-CRICK ?     ? ? 
hydrog24 hydrog ? ? A DG  10 N1  ? ? ? 1_555 B DC  3  N3  ? ? A DG  10 B DC  15 1_555 ? ? ? ? ? ? WATSON-CRICK ?     ? ? 
hydrog25 hydrog ? ? A DG  10 N2  ? ? ? 1_555 B DC  3  O2  ? ? A DG  10 B DC  15 1_555 ? ? ? ? ? ? WATSON-CRICK ?     ? ? 
hydrog26 hydrog ? ? A DG  10 O6  ? ? ? 1_555 B DC  3  N4  ? ? A DG  10 B DC  15 1_555 ? ? ? ? ? ? WATSON-CRICK ?     ? ? 
hydrog27 hydrog ? ? A DC  11 N3  ? ? ? 1_555 B DG  2  N1  ? ? A DC  11 B DG  14 1_555 ? ? ? ? ? ? WATSON-CRICK ?     ? ? 
hydrog28 hydrog ? ? A DC  11 N4  ? ? ? 1_555 B DG  2  O6  ? ? A DC  11 B DG  14 1_555 ? ? ? ? ? ? WATSON-CRICK ?     ? ? 
hydrog29 hydrog ? ? A DC  11 O2  ? ? ? 1_555 B DG  2  N2  ? ? A DC  11 B DG  14 1_555 ? ? ? ? ? ? WATSON-CRICK ?     ? ? 
hydrog30 hydrog ? ? A DG  12 N1  ? ? ? 1_555 B DC  1  N3  ? ? A DG  12 B DC  13 1_555 ? ? ? ? ? ? WATSON-CRICK ?     ? ? 
hydrog31 hydrog ? ? A DG  12 N2  ? ? ? 1_555 B DC  1  O2  ? ? A DG  12 B DC  13 1_555 ? ? ? ? ? ? WATSON-CRICK ?     ? ? 
hydrog32 hydrog ? ? A DG  12 O6  ? ? ? 1_555 B DC  1  N4  ? ? A DG  12 B DC  13 1_555 ? ? ? ? ? ? WATSON-CRICK ?     ? ? 
# 
loop_
_struct_conn_type.id 
_struct_conn_type.criteria 
_struct_conn_type.reference 
metalc ? ? 
hydrog ? ? 
# 
loop_
_pdbx_struct_conn_angle.id 
_pdbx_struct_conn_angle.ptnr1_label_atom_id 
_pdbx_struct_conn_angle.ptnr1_label_alt_id 
_pdbx_struct_conn_angle.ptnr1_label_asym_id 
_pdbx_struct_conn_angle.ptnr1_label_comp_id 
_pdbx_struct_conn_angle.ptnr1_label_seq_id 
_pdbx_struct_conn_angle.ptnr1_auth_atom_id 
_pdbx_struct_conn_angle.ptnr1_auth_asym_id 
_pdbx_struct_conn_angle.ptnr1_auth_comp_id 
_pdbx_struct_conn_angle.ptnr1_auth_seq_id 
_pdbx_struct_conn_angle.ptnr1_PDB_ins_code 
_pdbx_struct_conn_angle.ptnr1_symmetry 
_pdbx_struct_conn_angle.ptnr2_label_atom_id 
_pdbx_struct_conn_angle.ptnr2_label_alt_id 
_pdbx_struct_conn_angle.ptnr2_label_asym_id 
_pdbx_struct_conn_angle.ptnr2_label_comp_id 
_pdbx_struct_conn_angle.ptnr2_label_seq_id 
_pdbx_struct_conn_angle.ptnr2_auth_atom_id 
_pdbx_struct_conn_angle.ptnr2_auth_asym_id 
_pdbx_struct_conn_angle.ptnr2_auth_comp_id 
_pdbx_struct_conn_angle.ptnr2_auth_seq_id 
_pdbx_struct_conn_angle.ptnr2_PDB_ins_code 
_pdbx_struct_conn_angle.ptnr2_symmetry 
_pdbx_struct_conn_angle.ptnr3_label_atom_id 
_pdbx_struct_conn_angle.ptnr3_label_alt_id 
_pdbx_struct_conn_angle.ptnr3_label_asym_id 
_pdbx_struct_conn_angle.ptnr3_label_comp_id 
_pdbx_struct_conn_angle.ptnr3_label_seq_id 
_pdbx_struct_conn_angle.ptnr3_auth_atom_id 
_pdbx_struct_conn_angle.ptnr3_auth_asym_id 
_pdbx_struct_conn_angle.ptnr3_auth_comp_id 
_pdbx_struct_conn_angle.ptnr3_auth_seq_id 
_pdbx_struct_conn_angle.ptnr3_PDB_ins_code 
_pdbx_struct_conn_angle.ptnr3_symmetry 
_pdbx_struct_conn_angle.value 
_pdbx_struct_conn_angle.value_esd 
1  O   ? G HOH . ? A HOH 18 ? 1_555 MG ? D MG . ? A MG 14 ? 1_555 O   ? G HOH . ? A HOH 32 ? 1_555 91.3  ? 
2  O   ? G HOH . ? A HOH 18 ? 1_555 MG ? D MG . ? A MG 14 ? 1_555 O   ? H HOH . ? B HOH 2  ? 1_555 174.5 ? 
3  O   ? G HOH . ? A HOH 32 ? 1_555 MG ? D MG . ? A MG 14 ? 1_555 O   ? H HOH . ? B HOH 2  ? 1_555 87.6  ? 
4  O   ? G HOH . ? A HOH 18 ? 1_555 MG ? D MG . ? A MG 14 ? 1_555 O   ? H HOH . ? B HOH 5  ? 1_555 95.8  ? 
5  O   ? G HOH . ? A HOH 32 ? 1_555 MG ? D MG . ? A MG 14 ? 1_555 O   ? H HOH . ? B HOH 5  ? 1_555 86.6  ? 
6  O   ? H HOH . ? B HOH 2  ? 1_555 MG ? D MG . ? A MG 14 ? 1_555 O   ? H HOH . ? B HOH 5  ? 1_555 89.5  ? 
7  O   ? G HOH . ? A HOH 18 ? 1_555 MG ? D MG . ? A MG 14 ? 1_555 O   ? H HOH . ? B HOH 34 ? 1_555 87.3  ? 
8  O   ? G HOH . ? A HOH 32 ? 1_555 MG ? D MG . ? A MG 14 ? 1_555 O   ? H HOH . ? B HOH 34 ? 1_555 96.0  ? 
9  O   ? H HOH . ? B HOH 2  ? 1_555 MG ? D MG . ? A MG 14 ? 1_555 O   ? H HOH . ? B HOH 34 ? 1_555 87.5  ? 
10 O   ? H HOH . ? B HOH 5  ? 1_555 MG ? D MG . ? A MG 14 ? 1_555 O   ? H HOH . ? B HOH 34 ? 1_555 176.0 ? 
11 O   ? G HOH . ? A HOH 18 ? 1_555 MG ? D MG . ? A MG 14 ? 1_555 O   ? H HOH . ? B HOH 35 ? 1_555 91.0  ? 
12 O   ? G HOH . ? A HOH 32 ? 1_555 MG ? D MG . ? A MG 14 ? 1_555 O   ? H HOH . ? B HOH 35 ? 1_555 172.2 ? 
13 O   ? H HOH . ? B HOH 2  ? 1_555 MG ? D MG . ? A MG 14 ? 1_555 O   ? H HOH . ? B HOH 35 ? 1_555 90.7  ? 
14 O   ? H HOH . ? B HOH 5  ? 1_555 MG ? D MG . ? A MG 14 ? 1_555 O   ? H HOH . ? B HOH 35 ? 1_555 85.8  ? 
15 O   ? H HOH . ? B HOH 34 ? 1_555 MG ? D MG . ? A MG 14 ? 1_555 O   ? H HOH . ? B HOH 35 ? 1_555 91.5  ? 
16 OP1 ? B DC  9 ? B DC  21 ? 1_555 MG ? E MG . ? B MG 1  ? 1_555 O   ? H HOH . ? B HOH 86 ? 1_555 80.6  ? 
17 OP1 ? B DC  9 ? B DC  21 ? 1_555 MG ? E MG . ? B MG 1  ? 1_555 O   ? H HOH . ? B HOH 87 ? 1_555 84.6  ? 
18 O   ? H HOH . ? B HOH 86 ? 1_555 MG ? E MG . ? B MG 1  ? 1_555 O   ? H HOH . ? B HOH 87 ? 1_555 163.2 ? 
19 OP1 ? B DC  9 ? B DC  21 ? 1_555 MG ? E MG . ? B MG 1  ? 1_555 O   B H HOH . ? B HOH 88 ? 1_555 73.4  ? 
20 O   ? H HOH . ? B HOH 86 ? 1_555 MG ? E MG . ? B MG 1  ? 1_555 O   B H HOH . ? B HOH 88 ? 1_555 86.4  ? 
21 O   ? H HOH . ? B HOH 87 ? 1_555 MG ? E MG . ? B MG 1  ? 1_555 O   B H HOH . ? B HOH 88 ? 1_555 81.9  ? 
22 O   ? H HOH . ? B HOH 9  ? 1_555 MG ? F MG . ? B MG 25 ? 1_555 OP2 ? B DG  4 ? B DG  16 ? 1_555 86.1  ? 
23 O   ? H HOH . ? B HOH 9  ? 1_555 MG ? F MG . ? B MG 25 ? 1_555 O   ? H HOH . ? B HOH 90 ? 1_555 100.3 ? 
24 OP2 ? B DG  4 ? B DG  16 ? 1_555 MG ? F MG . ? B MG 25 ? 1_555 O   ? H HOH . ? B HOH 90 ? 1_555 171.9 ? 
25 O   ? H HOH . ? B HOH 9  ? 1_555 MG ? F MG . ? B MG 25 ? 1_555 O   ? H HOH . ? B HOH 91 ? 1_555 163.7 ? 
26 OP2 ? B DG  4 ? B DG  16 ? 1_555 MG ? F MG . ? B MG 25 ? 1_555 O   ? H HOH . ? B HOH 91 ? 1_555 91.6  ? 
27 O   ? H HOH . ? B HOH 90 ? 1_555 MG ? F MG . ? B MG 25 ? 1_555 O   ? H HOH . ? B HOH 91 ? 1_555 83.8  ? 
# 
loop_
_struct_site.id 
_struct_site.pdbx_evidence_code 
_struct_site.pdbx_auth_asym_id 
_struct_site.pdbx_auth_comp_id 
_struct_site.pdbx_auth_seq_id 
_struct_site.pdbx_auth_ins_code 
_struct_site.pdbx_num_residues 
_struct_site.details 
AC1 Software A D83 13 ? 15 'BINDING SITE FOR RESIDUE D83 A 13' 
AC2 Software A MG  14 ? 6  'BINDING SITE FOR RESIDUE MG A 14'  
AC3 Software B MG  1  ? 6  'BINDING SITE FOR RESIDUE MG B 1'   
AC4 Software B MG  25 ? 6  'BINDING SITE FOR RESIDUE MG B 25'  
1   ?        ? ?   ?  ? ?  ?                                   
# 
loop_
_struct_site_gen.id 
_struct_site_gen.site_id 
_struct_site_gen.pdbx_num_res 
_struct_site_gen.label_comp_id 
_struct_site_gen.label_asym_id 
_struct_site_gen.label_seq_id 
_struct_site_gen.pdbx_auth_ins_code 
_struct_site_gen.auth_comp_id 
_struct_site_gen.auth_asym_id 
_struct_site_gen.auth_seq_id 
_struct_site_gen.label_atom_id 
_struct_site_gen.label_alt_id 
_struct_site_gen.symmetry 
_struct_site_gen.details 
1  AC1 15 DA  A 6  ? DA  A 6  . ? 1_555 ? 
2  AC1 15 DT  A 7  ? DT  A 7  . ? 1_555 ? 
3  AC1 15 DT  A 8  ? DT  A 8  . ? 1_555 ? 
4  AC1 15 DC  A 9  ? DC  A 9  . ? 1_555 ? 
5  AC1 15 HOH G .  ? HOH A 54 . ? 1_555 ? 
6  AC1 15 HOH G .  ? HOH A 63 . ? 1_555 ? 
7  AC1 15 HOH G .  ? HOH A 70 . ? 1_555 ? 
8  AC1 15 HOH G .  ? HOH A 72 . ? 1_555 ? 
9  AC1 15 HOH G .  ? HOH A 73 . ? 1_555 ? 
10 AC1 15 HOH G .  ? HOH A 78 . ? 1_555 ? 
11 AC1 15 DA  B 6  ? DA  B 18 . ? 1_555 ? 
12 AC1 15 DT  B 7  ? DT  B 19 . ? 1_555 ? 
13 AC1 15 DT  B 8  ? DT  B 20 . ? 1_555 ? 
14 AC1 15 DC  B 9  ? DC  B 21 . ? 1_555 ? 
15 AC1 15 DG  B 10 ? DG  B 22 . ? 1_555 ? 
16 AC2 6  HOH G .  ? HOH A 18 . ? 1_555 ? 
17 AC2 6  HOH G .  ? HOH A 32 . ? 1_555 ? 
18 AC2 6  HOH H .  ? HOH B 2  . ? 1_555 ? 
19 AC2 6  HOH H .  ? HOH B 5  . ? 1_555 ? 
20 AC2 6  HOH H .  ? HOH B 34 . ? 1_555 ? 
21 AC2 6  HOH H .  ? HOH B 35 . ? 1_555 ? 
22 AC3 6  HOH G .  ? HOH A 74 . ? 1_455 ? 
23 AC3 6  DC  B 9  ? DC  B 21 . ? 1_555 ? 
24 AC3 6  HOH H .  ? HOH B 84 . ? 1_555 ? 
25 AC3 6  HOH H .  ? HOH B 86 . ? 1_555 ? 
26 AC3 6  HOH H .  ? HOH B 87 . ? 1_555 ? 
27 AC3 6  HOH H .  ? HOH B 88 . ? 1_555 ? 
28 AC4 6  HOH H .  ? HOH B 9  . ? 1_555 ? 
29 AC4 6  HOH H .  ? HOH B 11 . ? 1_555 ? 
30 AC4 6  DG  B 4  ? DG  B 16 . ? 1_555 ? 
31 AC4 6  HOH H .  ? HOH B 51 . ? 4_555 ? 
32 AC4 6  HOH H .  ? HOH B 90 . ? 1_555 ? 
33 AC4 6  HOH H .  ? HOH B 91 . ? 1_555 ? 
# 
_pdbx_validate_close_contact.id               1 
_pdbx_validate_close_contact.PDB_model_num    1 
_pdbx_validate_close_contact.auth_atom_id_1   MG 
_pdbx_validate_close_contact.auth_asym_id_1   B 
_pdbx_validate_close_contact.auth_comp_id_1   MG 
_pdbx_validate_close_contact.auth_seq_id_1    1 
_pdbx_validate_close_contact.PDB_ins_code_1   ? 
_pdbx_validate_close_contact.label_alt_id_1   ? 
_pdbx_validate_close_contact.auth_atom_id_2   O 
_pdbx_validate_close_contact.auth_asym_id_2   B 
_pdbx_validate_close_contact.auth_comp_id_2   HOH 
_pdbx_validate_close_contact.auth_seq_id_2    84 
_pdbx_validate_close_contact.PDB_ins_code_2   ? 
_pdbx_validate_close_contact.label_alt_id_2   ? 
_pdbx_validate_close_contact.dist             1.65 
# 
_struct_site_keywords.site_id   1 
_struct_site_keywords.text      'MINOR GROOVE BINDER' 
# 
loop_
_chem_comp_atom.comp_id 
_chem_comp_atom.atom_id 
_chem_comp_atom.type_symbol 
_chem_comp_atom.pdbx_aromatic_flag 
_chem_comp_atom.pdbx_stereo_config 
_chem_comp_atom.pdbx_ordinal 
D83 NAA    N  N N 1   
D83 NAB    N  N N 2   
D83 NAC    N  N N 3   
D83 NAD    N  N N 4   
D83 CAE    C  Y N 5   
D83 CAF    C  Y N 6   
D83 CAG    C  Y N 7   
D83 CAH    C  Y N 8   
D83 CAI    C  Y N 9   
D83 CAJ    C  Y N 10  
D83 CAK    C  Y N 11  
D83 CAL    C  Y N 12  
D83 CAM    C  Y N 13  
D83 CAN    C  Y N 14  
D83 CAO    C  Y N 15  
D83 CAP    C  Y N 16  
D83 NAQ    N  Y N 17  
D83 CAR    C  N N 18  
D83 CAS    C  N N 19  
D83 CAT    C  Y N 20  
D83 CAU    C  Y N 21  
D83 CAV    C  Y N 22  
D83 CAW    C  Y N 23  
D83 CAX    C  Y N 24  
D83 CAY    C  Y N 25  
D83 CAZ    C  Y N 26  
D83 CBA    C  Y N 27  
D83 HNAA   H  N N 28  
D83 HNAB   H  N N 29  
D83 HNAC   H  N N 30  
D83 HNAD   H  N N 31  
D83 HNAE   H  N N 32  
D83 HNAF   H  N N 33  
D83 HAE    H  N N 34  
D83 HAF    H  N N 35  
D83 HAG    H  N N 36  
D83 HAH    H  N N 37  
D83 HAI    H  N N 38  
D83 HAJ    H  N N 39  
D83 HAK    H  N N 40  
D83 HAL    H  N N 41  
D83 HAM    H  N N 42  
D83 HAN    H  N N 43  
D83 HAO    H  N N 44  
D83 HAP    H  N N 45  
D83 HNAQ   H  N N 46  
DA  OP3    O  N N 47  
DA  P      P  N N 48  
DA  OP1    O  N N 49  
DA  OP2    O  N N 50  
DA  "O5'"  O  N N 51  
DA  "C5'"  C  N N 52  
DA  "C4'"  C  N R 53  
DA  "O4'"  O  N N 54  
DA  "C3'"  C  N S 55  
DA  "O3'"  O  N N 56  
DA  "C2'"  C  N N 57  
DA  "C1'"  C  N R 58  
DA  N9     N  Y N 59  
DA  C8     C  Y N 60  
DA  N7     N  Y N 61  
DA  C5     C  Y N 62  
DA  C6     C  Y N 63  
DA  N6     N  N N 64  
DA  N1     N  Y N 65  
DA  C2     C  Y N 66  
DA  N3     N  Y N 67  
DA  C4     C  Y N 68  
DA  HOP3   H  N N 69  
DA  HOP2   H  N N 70  
DA  "H5'"  H  N N 71  
DA  "H5''" H  N N 72  
DA  "H4'"  H  N N 73  
DA  "H3'"  H  N N 74  
DA  "HO3'" H  N N 75  
DA  "H2'"  H  N N 76  
DA  "H2''" H  N N 77  
DA  "H1'"  H  N N 78  
DA  H8     H  N N 79  
DA  H61    H  N N 80  
DA  H62    H  N N 81  
DA  H2     H  N N 82  
DC  OP3    O  N N 83  
DC  P      P  N N 84  
DC  OP1    O  N N 85  
DC  OP2    O  N N 86  
DC  "O5'"  O  N N 87  
DC  "C5'"  C  N N 88  
DC  "C4'"  C  N R 89  
DC  "O4'"  O  N N 90  
DC  "C3'"  C  N S 91  
DC  "O3'"  O  N N 92  
DC  "C2'"  C  N N 93  
DC  "C1'"  C  N R 94  
DC  N1     N  N N 95  
DC  C2     C  N N 96  
DC  O2     O  N N 97  
DC  N3     N  N N 98  
DC  C4     C  N N 99  
DC  N4     N  N N 100 
DC  C5     C  N N 101 
DC  C6     C  N N 102 
DC  HOP3   H  N N 103 
DC  HOP2   H  N N 104 
DC  "H5'"  H  N N 105 
DC  "H5''" H  N N 106 
DC  "H4'"  H  N N 107 
DC  "H3'"  H  N N 108 
DC  "HO3'" H  N N 109 
DC  "H2'"  H  N N 110 
DC  "H2''" H  N N 111 
DC  "H1'"  H  N N 112 
DC  H41    H  N N 113 
DC  H42    H  N N 114 
DC  H5     H  N N 115 
DC  H6     H  N N 116 
DG  OP3    O  N N 117 
DG  P      P  N N 118 
DG  OP1    O  N N 119 
DG  OP2    O  N N 120 
DG  "O5'"  O  N N 121 
DG  "C5'"  C  N N 122 
DG  "C4'"  C  N R 123 
DG  "O4'"  O  N N 124 
DG  "C3'"  C  N S 125 
DG  "O3'"  O  N N 126 
DG  "C2'"  C  N N 127 
DG  "C1'"  C  N R 128 
DG  N9     N  Y N 129 
DG  C8     C  Y N 130 
DG  N7     N  Y N 131 
DG  C5     C  Y N 132 
DG  C6     C  N N 133 
DG  O6     O  N N 134 
DG  N1     N  N N 135 
DG  C2     C  N N 136 
DG  N2     N  N N 137 
DG  N3     N  N N 138 
DG  C4     C  Y N 139 
DG  HOP3   H  N N 140 
DG  HOP2   H  N N 141 
DG  "H5'"  H  N N 142 
DG  "H5''" H  N N 143 
DG  "H4'"  H  N N 144 
DG  "H3'"  H  N N 145 
DG  "HO3'" H  N N 146 
DG  "H2'"  H  N N 147 
DG  "H2''" H  N N 148 
DG  "H1'"  H  N N 149 
DG  H8     H  N N 150 
DG  H1     H  N N 151 
DG  H21    H  N N 152 
DG  H22    H  N N 153 
DT  OP3    O  N N 154 
DT  P      P  N N 155 
DT  OP1    O  N N 156 
DT  OP2    O  N N 157 
DT  "O5'"  O  N N 158 
DT  "C5'"  C  N N 159 
DT  "C4'"  C  N R 160 
DT  "O4'"  O  N N 161 
DT  "C3'"  C  N S 162 
DT  "O3'"  O  N N 163 
DT  "C2'"  C  N N 164 
DT  "C1'"  C  N R 165 
DT  N1     N  N N 166 
DT  C2     C  N N 167 
DT  O2     O  N N 168 
DT  N3     N  N N 169 
DT  C4     C  N N 170 
DT  O4     O  N N 171 
DT  C5     C  N N 172 
DT  C7     C  N N 173 
DT  C6     C  N N 174 
DT  HOP3   H  N N 175 
DT  HOP2   H  N N 176 
DT  "H5'"  H  N N 177 
DT  "H5''" H  N N 178 
DT  "H4'"  H  N N 179 
DT  "H3'"  H  N N 180 
DT  "HO3'" H  N N 181 
DT  "H2'"  H  N N 182 
DT  "H2''" H  N N 183 
DT  "H1'"  H  N N 184 
DT  H3     H  N N 185 
DT  H71    H  N N 186 
DT  H72    H  N N 187 
DT  H73    H  N N 188 
DT  H6     H  N N 189 
HOH O      O  N N 190 
HOH H1     H  N N 191 
HOH H2     H  N N 192 
MG  MG     MG N N 193 
# 
loop_
_chem_comp_bond.comp_id 
_chem_comp_bond.atom_id_1 
_chem_comp_bond.atom_id_2 
_chem_comp_bond.value_order 
_chem_comp_bond.pdbx_aromatic_flag 
_chem_comp_bond.pdbx_stereo_config 
_chem_comp_bond.pdbx_ordinal 
D83 NAB   CAS    sing N N 1   
D83 NAD   CAS    doub N N 2   
D83 CAS   CAU    sing N N 3   
D83 CAU   CAM    doub Y N 4   
D83 CAU   CAO    sing Y N 5   
D83 CAM   CAN    sing Y N 6   
D83 CAO   CBA    doub Y N 7   
D83 CAN   CAZ    doub Y N 8   
D83 CBA   CAZ    sing Y N 9   
D83 CBA   NAQ    sing Y N 10  
D83 CAZ   CAP    sing Y N 11  
D83 NAQ   CAY    sing Y N 12  
D83 CAP   CAY    doub Y N 13  
D83 CAY   CAX    sing Y N 14  
D83 CAX   CAL    doub Y N 15  
D83 CAX   CAK    sing Y N 16  
D83 CAL   CAJ    sing Y N 17  
D83 CAK   CAI    doub Y N 18  
D83 CAJ   CAW    doub Y N 19  
D83 CAI   CAW    sing Y N 20  
D83 CAW   CAV    sing Y N 21  
D83 CAV   CAG    doub Y N 22  
D83 CAV   CAH    sing Y N 23  
D83 CAG   CAE    sing Y N 24  
D83 CAH   CAF    doub Y N 25  
D83 CAE   CAT    doub Y N 26  
D83 CAF   CAT    sing Y N 27  
D83 CAT   CAR    sing N N 28  
D83 NAC   CAR    sing N N 29  
D83 CAR   NAA    doub N N 30  
D83 NAA   HNAA   sing N N 31  
D83 NAB   HNAB   sing N N 32  
D83 NAB   HNAC   sing N N 33  
D83 NAC   HNAD   sing N N 34  
D83 NAC   HNAE   sing N N 35  
D83 NAD   HNAF   sing N N 36  
D83 CAE   HAE    sing N N 37  
D83 CAF   HAF    sing N N 38  
D83 CAG   HAG    sing N N 39  
D83 CAH   HAH    sing N N 40  
D83 CAI   HAI    sing N N 41  
D83 CAJ   HAJ    sing N N 42  
D83 CAK   HAK    sing N N 43  
D83 CAL   HAL    sing N N 44  
D83 CAM   HAM    sing N N 45  
D83 CAN   HAN    sing N N 46  
D83 CAO   HAO    sing N N 47  
D83 CAP   HAP    sing N N 48  
D83 NAQ   HNAQ   sing N N 49  
DA  OP3   P      sing N N 50  
DA  OP3   HOP3   sing N N 51  
DA  P     OP1    doub N N 52  
DA  P     OP2    sing N N 53  
DA  P     "O5'"  sing N N 54  
DA  OP2   HOP2   sing N N 55  
DA  "O5'" "C5'"  sing N N 56  
DA  "C5'" "C4'"  sing N N 57  
DA  "C5'" "H5'"  sing N N 58  
DA  "C5'" "H5''" sing N N 59  
DA  "C4'" "O4'"  sing N N 60  
DA  "C4'" "C3'"  sing N N 61  
DA  "C4'" "H4'"  sing N N 62  
DA  "O4'" "C1'"  sing N N 63  
DA  "C3'" "O3'"  sing N N 64  
DA  "C3'" "C2'"  sing N N 65  
DA  "C3'" "H3'"  sing N N 66  
DA  "O3'" "HO3'" sing N N 67  
DA  "C2'" "C1'"  sing N N 68  
DA  "C2'" "H2'"  sing N N 69  
DA  "C2'" "H2''" sing N N 70  
DA  "C1'" N9     sing N N 71  
DA  "C1'" "H1'"  sing N N 72  
DA  N9    C8     sing Y N 73  
DA  N9    C4     sing Y N 74  
DA  C8    N7     doub Y N 75  
DA  C8    H8     sing N N 76  
DA  N7    C5     sing Y N 77  
DA  C5    C6     sing Y N 78  
DA  C5    C4     doub Y N 79  
DA  C6    N6     sing N N 80  
DA  C6    N1     doub Y N 81  
DA  N6    H61    sing N N 82  
DA  N6    H62    sing N N 83  
DA  N1    C2     sing Y N 84  
DA  C2    N3     doub Y N 85  
DA  C2    H2     sing N N 86  
DA  N3    C4     sing Y N 87  
DC  OP3   P      sing N N 88  
DC  OP3   HOP3   sing N N 89  
DC  P     OP1    doub N N 90  
DC  P     OP2    sing N N 91  
DC  P     "O5'"  sing N N 92  
DC  OP2   HOP2   sing N N 93  
DC  "O5'" "C5'"  sing N N 94  
DC  "C5'" "C4'"  sing N N 95  
DC  "C5'" "H5'"  sing N N 96  
DC  "C5'" "H5''" sing N N 97  
DC  "C4'" "O4'"  sing N N 98  
DC  "C4'" "C3'"  sing N N 99  
DC  "C4'" "H4'"  sing N N 100 
DC  "O4'" "C1'"  sing N N 101 
DC  "C3'" "O3'"  sing N N 102 
DC  "C3'" "C2'"  sing N N 103 
DC  "C3'" "H3'"  sing N N 104 
DC  "O3'" "HO3'" sing N N 105 
DC  "C2'" "C1'"  sing N N 106 
DC  "C2'" "H2'"  sing N N 107 
DC  "C2'" "H2''" sing N N 108 
DC  "C1'" N1     sing N N 109 
DC  "C1'" "H1'"  sing N N 110 
DC  N1    C2     sing N N 111 
DC  N1    C6     sing N N 112 
DC  C2    O2     doub N N 113 
DC  C2    N3     sing N N 114 
DC  N3    C4     doub N N 115 
DC  C4    N4     sing N N 116 
DC  C4    C5     sing N N 117 
DC  N4    H41    sing N N 118 
DC  N4    H42    sing N N 119 
DC  C5    C6     doub N N 120 
DC  C5    H5     sing N N 121 
DC  C6    H6     sing N N 122 
DG  OP3   P      sing N N 123 
DG  OP3   HOP3   sing N N 124 
DG  P     OP1    doub N N 125 
DG  P     OP2    sing N N 126 
DG  P     "O5'"  sing N N 127 
DG  OP2   HOP2   sing N N 128 
DG  "O5'" "C5'"  sing N N 129 
DG  "C5'" "C4'"  sing N N 130 
DG  "C5'" "H5'"  sing N N 131 
DG  "C5'" "H5''" sing N N 132 
DG  "C4'" "O4'"  sing N N 133 
DG  "C4'" "C3'"  sing N N 134 
DG  "C4'" "H4'"  sing N N 135 
DG  "O4'" "C1'"  sing N N 136 
DG  "C3'" "O3'"  sing N N 137 
DG  "C3'" "C2'"  sing N N 138 
DG  "C3'" "H3'"  sing N N 139 
DG  "O3'" "HO3'" sing N N 140 
DG  "C2'" "C1'"  sing N N 141 
DG  "C2'" "H2'"  sing N N 142 
DG  "C2'" "H2''" sing N N 143 
DG  "C1'" N9     sing N N 144 
DG  "C1'" "H1'"  sing N N 145 
DG  N9    C8     sing Y N 146 
DG  N9    C4     sing Y N 147 
DG  C8    N7     doub Y N 148 
DG  C8    H8     sing N N 149 
DG  N7    C5     sing Y N 150 
DG  C5    C6     sing N N 151 
DG  C5    C4     doub Y N 152 
DG  C6    O6     doub N N 153 
DG  C6    N1     sing N N 154 
DG  N1    C2     sing N N 155 
DG  N1    H1     sing N N 156 
DG  C2    N2     sing N N 157 
DG  C2    N3     doub N N 158 
DG  N2    H21    sing N N 159 
DG  N2    H22    sing N N 160 
DG  N3    C4     sing N N 161 
DT  OP3   P      sing N N 162 
DT  OP3   HOP3   sing N N 163 
DT  P     OP1    doub N N 164 
DT  P     OP2    sing N N 165 
DT  P     "O5'"  sing N N 166 
DT  OP2   HOP2   sing N N 167 
DT  "O5'" "C5'"  sing N N 168 
DT  "C5'" "C4'"  sing N N 169 
DT  "C5'" "H5'"  sing N N 170 
DT  "C5'" "H5''" sing N N 171 
DT  "C4'" "O4'"  sing N N 172 
DT  "C4'" "C3'"  sing N N 173 
DT  "C4'" "H4'"  sing N N 174 
DT  "O4'" "C1'"  sing N N 175 
DT  "C3'" "O3'"  sing N N 176 
DT  "C3'" "C2'"  sing N N 177 
DT  "C3'" "H3'"  sing N N 178 
DT  "O3'" "HO3'" sing N N 179 
DT  "C2'" "C1'"  sing N N 180 
DT  "C2'" "H2'"  sing N N 181 
DT  "C2'" "H2''" sing N N 182 
DT  "C1'" N1     sing N N 183 
DT  "C1'" "H1'"  sing N N 184 
DT  N1    C2     sing N N 185 
DT  N1    C6     sing N N 186 
DT  C2    O2     doub N N 187 
DT  C2    N3     sing N N 188 
DT  N3    C4     sing N N 189 
DT  N3    H3     sing N N 190 
DT  C4    O4     doub N N 191 
DT  C4    C5     sing N N 192 
DT  C5    C7     sing N N 193 
DT  C5    C6     doub N N 194 
DT  C7    H71    sing N N 195 
DT  C7    H72    sing N N 196 
DT  C7    H73    sing N N 197 
DT  C6    H6     sing N N 198 
HOH O     H1     sing N N 199 
HOH O     H2     sing N N 200 
# 
loop_
_ndb_struct_conf_na.entry_id 
_ndb_struct_conf_na.feature 
3U0U 'double helix'        
3U0U 'b-form double helix' 
# 
loop_
_ndb_struct_na_base_pair.model_number 
_ndb_struct_na_base_pair.i_label_asym_id 
_ndb_struct_na_base_pair.i_label_comp_id 
_ndb_struct_na_base_pair.i_label_seq_id 
_ndb_struct_na_base_pair.i_symmetry 
_ndb_struct_na_base_pair.j_label_asym_id 
_ndb_struct_na_base_pair.j_label_comp_id 
_ndb_struct_na_base_pair.j_label_seq_id 
_ndb_struct_na_base_pair.j_symmetry 
_ndb_struct_na_base_pair.shear 
_ndb_struct_na_base_pair.stretch 
_ndb_struct_na_base_pair.stagger 
_ndb_struct_na_base_pair.buckle 
_ndb_struct_na_base_pair.propeller 
_ndb_struct_na_base_pair.opening 
_ndb_struct_na_base_pair.pair_number 
_ndb_struct_na_base_pair.pair_name 
_ndb_struct_na_base_pair.i_auth_asym_id 
_ndb_struct_na_base_pair.i_auth_seq_id 
_ndb_struct_na_base_pair.i_PDB_ins_code 
_ndb_struct_na_base_pair.j_auth_asym_id 
_ndb_struct_na_base_pair.j_auth_seq_id 
_ndb_struct_na_base_pair.j_PDB_ins_code 
_ndb_struct_na_base_pair.hbond_type_28 
_ndb_struct_na_base_pair.hbond_type_12 
1 A DC 1  1_555 B DG 12 1_555 0.208  -0.182 0.118  1.587  -17.722 0.745  1  A_DC1:DG24_B  A 1  ? B 24 ? 19 1 
1 A DG 2  1_555 B DC 11 1_555 -0.171 -0.152 0.213  1.742  -5.666  -2.857 2  A_DG2:DC23_B  A 2  ? B 23 ? 19 1 
1 A DC 3  1_555 B DG 10 1_555 0.246  -0.147 0.155  -1.969 -7.457  0.624  3  A_DC3:DG22_B  A 3  ? B 22 ? 19 1 
1 A DG 4  1_555 B DC 9  1_555 -0.218 -0.112 0.004  11.287 -8.815  -0.986 4  A_DG4:DC21_B  A 4  ? B 21 ? 19 1 
1 A DA 5  1_555 B DT 8  1_555 0.064  -0.104 -0.045 7.494  -16.740 1.920  5  A_DA5:DT20_B  A 5  ? B 20 ? 20 1 
1 A DA 6  1_555 B DT 7  1_555 0.107  -0.121 0.057  2.823  -18.411 6.426  6  A_DA6:DT19_B  A 6  ? B 19 ? 20 1 
1 A DT 7  1_555 B DA 6  1_555 -0.083 -0.131 0.009  -1.434 -18.840 6.115  7  A_DT7:DA18_B  A 7  ? B 18 ? 20 1 
1 A DT 8  1_555 B DA 5  1_555 -0.061 -0.190 -0.102 -5.465 -15.618 2.004  8  A_DT8:DA17_B  A 8  ? B 17 ? 20 1 
1 A DC 9  1_555 B DG 4  1_555 0.264  -0.174 -0.088 -9.177 -10.657 0.393  9  A_DC9:DG16_B  A 9  ? B 16 ? 19 1 
1 A DG 10 1_555 B DC 3  1_555 -0.162 -0.135 0.115  9.698  -2.202  1.135  10 A_DG10:DC15_B A 10 ? B 15 ? 19 1 
1 A DC 11 1_555 B DG 2  1_555 0.066  -0.228 0.387  5.709  -24.930 -2.736 11 A_DC11:DG14_B A 11 ? B 14 ? 19 1 
1 A DG 12 1_555 B DC 1  1_555 -0.342 -0.174 -0.219 8.315  19.555  -2.411 12 A_DG12:DC13_B A 12 ? B 13 ? 19 1 
# 
loop_
_ndb_struct_na_base_pair_step.model_number 
_ndb_struct_na_base_pair_step.i_label_asym_id_1 
_ndb_struct_na_base_pair_step.i_label_comp_id_1 
_ndb_struct_na_base_pair_step.i_label_seq_id_1 
_ndb_struct_na_base_pair_step.i_symmetry_1 
_ndb_struct_na_base_pair_step.j_label_asym_id_1 
_ndb_struct_na_base_pair_step.j_label_comp_id_1 
_ndb_struct_na_base_pair_step.j_label_seq_id_1 
_ndb_struct_na_base_pair_step.j_symmetry_1 
_ndb_struct_na_base_pair_step.i_label_asym_id_2 
_ndb_struct_na_base_pair_step.i_label_comp_id_2 
_ndb_struct_na_base_pair_step.i_label_seq_id_2 
_ndb_struct_na_base_pair_step.i_symmetry_2 
_ndb_struct_na_base_pair_step.j_label_asym_id_2 
_ndb_struct_na_base_pair_step.j_label_comp_id_2 
_ndb_struct_na_base_pair_step.j_label_seq_id_2 
_ndb_struct_na_base_pair_step.j_symmetry_2 
_ndb_struct_na_base_pair_step.shift 
_ndb_struct_na_base_pair_step.slide 
_ndb_struct_na_base_pair_step.rise 
_ndb_struct_na_base_pair_step.tilt 
_ndb_struct_na_base_pair_step.roll 
_ndb_struct_na_base_pair_step.twist 
_ndb_struct_na_base_pair_step.x_displacement 
_ndb_struct_na_base_pair_step.y_displacement 
_ndb_struct_na_base_pair_step.helical_rise 
_ndb_struct_na_base_pair_step.inclination 
_ndb_struct_na_base_pair_step.tip 
_ndb_struct_na_base_pair_step.helical_twist 
_ndb_struct_na_base_pair_step.step_number 
_ndb_struct_na_base_pair_step.step_name 
_ndb_struct_na_base_pair_step.i_auth_asym_id_1 
_ndb_struct_na_base_pair_step.i_auth_seq_id_1 
_ndb_struct_na_base_pair_step.i_PDB_ins_code_1 
_ndb_struct_na_base_pair_step.j_auth_asym_id_1 
_ndb_struct_na_base_pair_step.j_auth_seq_id_1 
_ndb_struct_na_base_pair_step.j_PDB_ins_code_1 
_ndb_struct_na_base_pair_step.i_auth_asym_id_2 
_ndb_struct_na_base_pair_step.i_auth_seq_id_2 
_ndb_struct_na_base_pair_step.i_PDB_ins_code_2 
_ndb_struct_na_base_pair_step.j_auth_asym_id_2 
_ndb_struct_na_base_pair_step.j_auth_seq_id_2 
_ndb_struct_na_base_pair_step.j_PDB_ins_code_2 
1 A DC 1  1_555 B DG 12 1_555 A DG 2  1_555 B DC 11 1_555 -0.475 0.129  3.301 -1.271 6.681   32.838 -0.893 0.611  3.279 11.663  
2.219  33.516 1  AA_DC1DG2:DC23DG24_BB   A 1  ? B 24 ? A 2  ? B 23 ? 
1 A DG 2  1_555 B DC 11 1_555 A DC 3  1_555 B DG 10 1_555 0.763  0.709  3.411 1.468  -3.133  42.279 1.311  -0.899 3.375 -4.335  
-2.031 42.414 2  AA_DG2DC3:DG22DC23_BB   A 2  ? B 23 ? A 3  ? B 22 ? 
1 A DC 3  1_555 B DG 10 1_555 A DG 4  1_555 B DC 9  1_555 -0.419 0.750  3.128 2.491  9.664   26.712 -0.668 1.416  3.152 20.050  
-5.169 28.483 3  AA_DC3DG4:DC21DG22_BB   A 3  ? B 22 ? A 4  ? B 21 ? 
1 A DG 4  1_555 B DC 9  1_555 A DA 5  1_555 B DT 8  1_555 0.052  0.064  3.346 0.552  3.280   38.544 -0.316 -0.008 3.341 4.958   
-0.835 38.681 4  AA_DG4DA5:DT20DC21_BB   A 4  ? B 21 ? A 5  ? B 20 ? 
1 A DA 5  1_555 B DT 8  1_555 A DA 6  1_555 B DT 7  1_555 0.289  -0.361 3.300 -1.089 3.502   35.400 -1.101 -0.631 3.241 5.740   
1.786  35.584 5  AA_DA5DA6:DT19DT20_BB   A 5  ? B 20 ? A 6  ? B 19 ? 
1 A DA 6  1_555 B DT 7  1_555 A DT 7  1_555 B DA 6  1_555 0.024  -0.635 3.304 0.617  -0.286  30.757 -1.141 0.077  3.309 -0.538  
-1.163 30.765 6  AA_DA6DT7:DA18DT19_BB   A 6  ? B 19 ? A 7  ? B 18 ? 
1 A DT 7  1_555 B DA 6  1_555 A DT 8  1_555 B DA 5  1_555 -0.294 -0.236 3.293 2.006  1.585   35.939 -0.607 0.760  3.259 2.565   
-3.246 36.027 7  AA_DT7DT8:DA17DA18_BB   A 7  ? B 18 ? A 8  ? B 17 ? 
1 A DT 8  1_555 B DA 5  1_555 A DC 9  1_555 B DG 4  1_555 0.058  0.331  3.362 1.106  -1.150  41.303 0.596  0.039  3.353 -1.630  
-1.567 41.332 8  AA_DT8DC9:DG16DA17_BB   A 8  ? B 17 ? A 9  ? B 16 ? 
1 A DC 9  1_555 B DG 4  1_555 A DG 10 1_555 B DC 3  1_555 0.339  1.251  3.057 -2.383 7.533   26.009 0.798  -1.312 3.241 16.266  
5.145  27.163 9  AA_DC9DG10:DC15DG16_BB  A 9  ? B 16 ? A 10 ? B 15 ? 
1 A DG 10 1_555 B DC 3  1_555 A DC 11 1_555 B DG 2  1_555 -0.998 0.958  3.512 -4.328 -14.375 44.742 2.438  0.877  3.157 -18.285 
5.506  47.070 10 AA_DG10DC11:DG14DC15_BB A 10 ? B 15 ? A 11 ? B 14 ? 
1 A DC 11 1_555 B DG 2  1_555 A DG 12 1_555 B DC 1  1_555 1.530  0.599  3.504 5.547  -10.195 33.692 2.590  -1.628 3.388 -16.976 
-9.237 35.581 11 AA_DC11DG12:DC13DG14_BB A 11 ? B 14 ? A 12 ? B 13 ? 
# 
_atom_sites.entry_id                    3U0U 
_atom_sites.fract_transf_matrix[1][1]   -0.00191137 
_atom_sites.fract_transf_matrix[1][2]   -0.02021722 
_atom_sites.fract_transf_matrix[1][3]   -0.03650242 
_atom_sites.fract_transf_matrix[2][1]   0.01883006 
_atom_sites.fract_transf_matrix[2][2]   -0.01504210 
_atom_sites.fract_transf_matrix[2][3]   0.00734522 
_atom_sites.fract_transf_matrix[3][1]   -0.01009817 
_atom_sites.fract_transf_matrix[3][2]   -0.00974684 
_atom_sites.fract_transf_matrix[3][3]   0.00592715 
_atom_sites.fract_transf_vector[1]      0.563696 
_atom_sites.fract_transf_vector[2]      0.515476 
_atom_sites.fract_transf_vector[3]      0.142683 
# 
loop_
_atom_type.symbol 
C  
MG 
N  
O  
P  
# 
loop_
_atom_site.group_PDB 
_atom_site.id 
_atom_site.type_symbol 
_atom_site.label_atom_id 
_atom_site.label_alt_id 
_atom_site.label_comp_id 
_atom_site.label_asym_id 
_atom_site.label_entity_id 
_atom_site.label_seq_id 
_atom_site.pdbx_PDB_ins_code 
_atom_site.Cartn_x 
_atom_site.Cartn_y 
_atom_site.Cartn_z 
_atom_site.occupancy 
_atom_site.B_iso_or_equiv 
_atom_site.pdbx_formal_charge 
_atom_site.auth_seq_id 
_atom_site.auth_comp_id 
_atom_site.auth_asym_id 
_atom_site.auth_atom_id 
_atom_site.pdbx_PDB_model_num 
ATOM   1   O  "O5'" . DC  A 1 1  ? 0.216   -20.194 4.441   1.00 18.69 ? 1  DC  A "O5'" 1 
ATOM   2   C  "C5'" . DC  A 1 1  ? -0.869  -19.456 4.970   1.00 15.84 ? 1  DC  A "C5'" 1 
ATOM   3   C  "C4'" . DC  A 1 1  ? -1.842  -19.152 3.855   1.00 13.56 ? 1  DC  A "C4'" 1 
ATOM   4   O  "O4'" . DC  A 1 1  ? -3.012  -18.496 4.378   1.00 13.41 ? 1  DC  A "O4'" 1 
ATOM   5   C  "C3'" . DC  A 1 1  ? -1.300  -18.234 2.768   1.00 13.99 ? 1  DC  A "C3'" 1 
ATOM   6   O  "O3'" . DC  A 1 1  ? -1.810  -18.701 1.528   1.00 14.31 ? 1  DC  A "O3'" 1 
ATOM   7   C  "C2'" . DC  A 1 1  ? -1.850  -16.861 3.177   1.00 13.27 ? 1  DC  A "C2'" 1 
ATOM   8   C  "C1'" . DC  A 1 1  ? -3.204  -17.256 3.740   1.00 11.99 ? 1  DC  A "C1'" 1 
ATOM   9   N  N1    . DC  A 1 1  ? -3.801  -16.354 4.745   1.00 13.38 ? 1  DC  A N1    1 
ATOM   10  C  C2    . DC  A 1 1  ? -5.168  -16.087 4.650   1.00 13.88 ? 1  DC  A C2    1 
ATOM   11  O  O2    . DC  A 1 1  ? -5.806  -16.557 3.695   1.00 16.18 ? 1  DC  A O2    1 
ATOM   12  N  N3    . DC  A 1 1  ? -5.755  -15.323 5.603   1.00 12.73 ? 1  DC  A N3    1 
ATOM   13  C  C4    . DC  A 1 1  ? -5.036  -14.846 6.631   1.00 12.56 ? 1  DC  A C4    1 
ATOM   14  N  N4    . DC  A 1 1  ? -5.661  -14.082 7.521   1.00 13.44 ? 1  DC  A N4    1 
ATOM   15  C  C5    . DC  A 1 1  ? -3.637  -15.098 6.742   1.00 11.44 ? 1  DC  A C5    1 
ATOM   16  C  C6    . DC  A 1 1  ? -3.073  -15.882 5.811   1.00 13.02 ? 1  DC  A C6    1 
ATOM   17  P  P     . DG  A 1 2  ? -1.313  -18.133 0.129   1.00 16.26 ? 2  DG  A P     1 
ATOM   18  O  OP1   . DG  A 1 2  ? -1.390  -19.227 -0.855  1.00 18.88 ? 2  DG  A OP1   1 
ATOM   19  O  OP2   . DG  A 1 2  ? -0.065  -17.391 0.319   1.00 15.72 ? 2  DG  A OP2   1 
ATOM   20  O  "O5'" . DG  A 1 2  ? -2.431  -17.076 -0.221  1.00 14.46 ? 2  DG  A "O5'" 1 
ATOM   21  C  "C5'" . DG  A 1 2  ? -3.687  -17.521 -0.703  1.00 13.32 ? 2  DG  A "C5'" 1 
ATOM   22  C  "C4'" . DG  A 1 2  ? -4.439  -16.363 -1.306  1.00 11.54 ? 2  DG  A "C4'" 1 
ATOM   23  O  "O4'" . DG  A 1 2  ? -4.984  -15.548 -0.252  1.00 11.34 ? 2  DG  A "O4'" 1 
ATOM   24  C  "C3'" . DG  A 1 2  ? -3.615  -15.431 -2.179  1.00 11.71 ? 2  DG  A "C3'" 1 
ATOM   25  O  "O3'" . DG  A 1 2  ? -4.420  -15.076 -3.278  1.00 13.67 ? 2  DG  A "O3'" 1 
ATOM   26  C  "C2'" . DG  A 1 2  ? -3.351  -14.226 -1.273  1.00 10.81 ? 2  DG  A "C2'" 1 
ATOM   27  C  "C1'" . DG  A 1 2  ? -4.610  -14.208 -0.417  1.00 9.83  ? 2  DG  A "C1'" 1 
ATOM   28  N  N9    . DG  A 1 2  ? -4.459  -13.672 0.933   1.00 8.91  ? 2  DG  A N9    1 
ATOM   29  C  C8    . DG  A 1 2  ? -3.345  -13.714 1.770   1.00 9.84  ? 2  DG  A C8    1 
ATOM   30  N  N7    . DG  A 1 2  ? -3.592  -13.202 2.959   1.00 9.31  ? 2  DG  A N7    1 
ATOM   31  C  C5    . DG  A 1 2  ? -4.932  -12.844 2.906   1.00 9.05  ? 2  DG  A C5    1 
ATOM   32  C  C6    . DG  A 1 2  ? -5.752  -12.230 3.872   1.00 9.01  ? 2  DG  A C6    1 
ATOM   33  O  O6    . DG  A 1 2  ? -5.454  -11.891 5.022   1.00 9.40  ? 2  DG  A O6    1 
ATOM   34  N  N1    . DG  A 1 2  ? -7.056  -12.020 3.419   1.00 8.74  ? 2  DG  A N1    1 
ATOM   35  C  C2    . DG  A 1 2  ? -7.507  -12.341 2.147   1.00 8.63  ? 2  DG  A C2    1 
ATOM   36  N  N2    . DG  A 1 2  ? -8.798  -12.079 1.875   1.00 9.91  ? 2  DG  A N2    1 
ATOM   37  N  N3    . DG  A 1 2  ? -6.739  -12.921 1.219   1.00 8.42  ? 2  DG  A N3    1 
ATOM   38  C  C4    . DG  A 1 2  ? -5.468  -13.115 1.659   1.00 8.74  ? 2  DG  A C4    1 
ATOM   39  P  P     . DC  A 1 3  ? -3.842  -14.354 -4.571  1.00 13.81 ? 3  DC  A P     1 
ATOM   40  O  OP1   . DC  A 1 3  ? -4.219  -15.216 -5.719  1.00 15.71 ? 3  DC  A OP1   1 
ATOM   41  O  OP2   . DC  A 1 3  ? -2.442  -14.000 -4.369  1.00 16.46 ? 3  DC  A OP2   1 
ATOM   42  O  "O5'" . DC  A 1 3  ? -4.667  -12.985 -4.596  1.00 14.46 ? 3  DC  A "O5'" 1 
ATOM   43  C  "C5'" . DC  A 1 3  ? -6.041  -13.020 -4.871  1.00 13.34 ? 3  DC  A "C5'" 1 
ATOM   44  C  "C4'" . DC  A 1 3  ? -6.745  -11.898 -4.151  1.00 12.47 ? 3  DC  A "C4'" 1 
ATOM   45  O  "O4'" . DC  A 1 3  ? -6.454  -11.967 -2.759  1.00 12.17 ? 3  DC  A "O4'" 1 
ATOM   46  C  "C3'" . DC  A 1 3  ? -6.312  -10.511 -4.551  1.00 13.34 ? 3  DC  A "C3'" 1 
ATOM   47  O  "O3'" . DC  A 1 3  ? -7.058  -10.145 -5.686  1.00 14.72 ? 3  DC  A "O3'" 1 
ATOM   48  C  "C2'" . DC  A 1 3  ? -6.695  -9.673  -3.336  1.00 16.49 ? 3  DC  A "C2'" 1 
ATOM   49  C  "C1'" . DC  A 1 3  ? -6.677  -10.685 -2.204  1.00 11.78 ? 3  DC  A "C1'" 1 
ATOM   50  N  N1    . DC  A 1 3  ? -5.637  -10.460 -1.189  1.00 9.59  ? 3  DC  A N1    1 
ATOM   51  C  C2    . DC  A 1 3  ? -6.016  -9.919  0.060   1.00 8.66  ? 3  DC  A C2    1 
ATOM   52  O  O2    . DC  A 1 3  ? -7.172  -9.584  0.223   1.00 9.52  ? 3  DC  A O2    1 
ATOM   53  N  N3    . DC  A 1 3  ? -5.061  -9.766  1.035   1.00 9.47  ? 3  DC  A N3    1 
ATOM   54  C  C4    . DC  A 1 3  ? -3.800  -10.118 0.780   1.00 8.84  ? 3  DC  A C4    1 
ATOM   55  N  N4    . DC  A 1 3  ? -2.901  -9.975  1.746   1.00 9.97  ? 3  DC  A N4    1 
ATOM   56  C  C5    . DC  A 1 3  ? -3.407  -10.662 -0.501  1.00 10.16 ? 3  DC  A C5    1 
ATOM   57  C  C6    . DC  A 1 3  ? -4.353  -10.809 -1.432  1.00 10.59 ? 3  DC  A C6    1 
ATOM   58  P  P     . DG  A 1 4  ? -6.760  -8.799  -6.505  1.00 15.73 ? 4  DG  A P     1 
ATOM   59  O  OP1   . DG  A 1 4  ? -7.357  -8.967  -7.863  1.00 18.31 ? 4  DG  A OP1   1 
ATOM   60  O  OP2   . DG  A 1 4  ? -5.355  -8.492  -6.380  1.00 16.34 ? 4  DG  A OP2   1 
ATOM   61  O  "O5'" . DG  A 1 4  ? -7.585  -7.686  -5.710  1.00 13.68 ? 4  DG  A "O5'" 1 
ATOM   62  C  "C5'" . DG  A 1 4  ? -8.960  -7.865  -5.516  1.00 14.77 ? 4  DG  A "C5'" 1 
ATOM   63  C  "C4'" . DG  A 1 4  ? -9.510  -6.746  -4.666  1.00 15.94 ? 4  DG  A "C4'" 1 
ATOM   64  O  "O4'" . DG  A 1 4  ? -8.886  -6.788  -3.349  1.00 14.19 ? 4  DG  A "O4'" 1 
ATOM   65  C  "C3'" . DG  A 1 4  ? -9.227  -5.368  -5.227  1.00 17.59 ? 4  DG  A "C3'" 1 
ATOM   66  O  "O3'" . DG  A 1 4  ? -10.317 -4.509  -4.920  1.00 20.46 ? 4  DG  A "O3'" 1 
ATOM   67  C  "C2'" . DG  A 1 4  ? -7.930  -4.960  -4.521  1.00 15.23 ? 4  DG  A "C2'" 1 
ATOM   68  C  "C1'" . DG  A 1 4  ? -8.090  -5.626  -3.156  1.00 13.97 ? 4  DG  A "C1'" 1 
ATOM   69  N  N9    . DG  A 1 4  ? -6.828  -6.038  -2.552  1.00 12.11 ? 4  DG  A N9    1 
ATOM   70  C  C8    . DG  A 1 4  ? -5.735  -6.567  -3.185  1.00 13.06 ? 4  DG  A C8    1 
ATOM   71  N  N7    . DG  A 1 4  ? -4.750  -6.858  -2.387  1.00 13.57 ? 4  DG  A N7    1 
ATOM   72  C  C5    . DG  A 1 4  ? -5.209  -6.460  -1.123  1.00 9.63  ? 4  DG  A C5    1 
ATOM   73  C  C6    . DG  A 1 4  ? -4.566  -6.501  0.149   1.00 9.54  ? 4  DG  A C6    1 
ATOM   74  O  O6    . DG  A 1 4  ? -3.456  -6.915  0.435   1.00 10.32 ? 4  DG  A O6    1 
ATOM   75  N  N1    . DG  A 1 4  ? -5.384  -5.995  1.140   1.00 10.46 ? 4  DG  A N1    1 
ATOM   76  C  C2    . DG  A 1 4  ? -6.654  -5.515  0.960   1.00 9.90  ? 4  DG  A C2    1 
ATOM   77  N  N2    . DG  A 1 4  ? -7.281  -5.074  2.047   1.00 10.51 ? 4  DG  A N2    1 
ATOM   78  N  N3    . DG  A 1 4  ? -7.271  -5.481  -0.214  1.00 10.89 ? 4  DG  A N3    1 
ATOM   79  C  C4    . DG  A 1 4  ? -6.484  -5.952  -1.207  1.00 12.22 ? 4  DG  A C4    1 
ATOM   80  P  P     . DA  A 1 5  ? -10.277 -2.927  -5.270  1.00 22.80 ? 5  DA  A P     1 
ATOM   81  O  OP1   . DA  A 1 5  ? -11.640 -2.562  -5.697  1.00 25.77 ? 5  DA  A OP1   1 
ATOM   82  O  OP2   . DA  A 1 5  ? -9.119  -2.633  -6.140  1.00 24.23 ? 5  DA  A OP2   1 
ATOM   83  O  "O5'" . DA  A 1 5  ? -10.008 -2.259  -3.839  1.00 19.67 ? 5  DA  A "O5'" 1 
ATOM   84  C  "C5'" . DA  A 1 5  ? -10.894 -2.506  -2.799  1.00 16.75 ? 5  DA  A "C5'" 1 
ATOM   85  C  "C4'" . DA  A 1 5  ? -10.458 -1.759  -1.566  1.00 13.25 ? 5  DA  A "C4'" 1 
ATOM   86  O  "O4'" . DA  A 1 5  ? -9.205  -2.293  -1.092  1.00 12.99 ? 5  DA  A "O4'" 1 
ATOM   87  C  "C3'" . DA  A 1 5  ? -10.242 -0.255  -1.773  1.00 11.72 ? 5  DA  A "C3'" 1 
ATOM   88  O  "O3'" . DA  A 1 5  ? -10.770 0.404   -0.626  1.00 11.60 ? 5  DA  A "O3'" 1 
ATOM   89  C  "C2'" . DA  A 1 5  ? -8.723  -0.132  -1.863  1.00 12.26 ? 5  DA  A "C2'" 1 
ATOM   90  C  "C1'" . DA  A 1 5  ? -8.258  -1.265  -0.955  1.00 10.85 ? 5  DA  A "C1'" 1 
ATOM   91  N  N9    . DA  A 1 5  ? -6.981  -1.853  -1.306  1.00 9.89  ? 5  DA  A N9    1 
ATOM   92  C  C8    . DA  A 1 5  ? -6.581  -2.239  -2.555  1.00 10.02 ? 5  DA  A C8    1 
ATOM   93  N  N7    . DA  A 1 5  ? -5.403  -2.822  -2.560  1.00 11.66 ? 5  DA  A N7    1 
ATOM   94  C  C5    . DA  A 1 5  ? -4.997  -2.814  -1.236  1.00 8.92  ? 5  DA  A C5    1 
ATOM   95  C  C6    . DA  A 1 5  ? -3.835  -3.275  -0.580  1.00 8.48  ? 5  DA  A C6    1 
ATOM   96  N  N6    . DA  A 1 5  ? -2.814  -3.871  -1.206  1.00 11.30 ? 5  DA  A N6    1 
ATOM   97  N  N1    . DA  A 1 5  ? -3.768  -3.097  0.765   1.00 10.17 ? 5  DA  A N1    1 
ATOM   98  C  C2    . DA  A 1 5  ? -4.799  -2.531  1.401   1.00 9.53  ? 5  DA  A C2    1 
ATOM   99  N  N3    . DA  A 1 5  ? -5.934  -2.045  0.901   1.00 10.07 ? 5  DA  A N3    1 
ATOM   100 C  C4    . DA  A 1 5  ? -5.979  -2.235  -0.439  1.00 9.66  ? 5  DA  A C4    1 
ATOM   101 P  P     . DA  A 1 6  ? -10.665 1.994   -0.351  1.00 12.44 ? 6  DA  A P     1 
ATOM   102 O  OP1   . DA  A 1 6  ? -11.831 2.338   0.530   1.00 12.86 ? 6  DA  A OP1   1 
ATOM   103 O  OP2   . DA  A 1 6  ? -10.456 2.716   -1.578  1.00 11.18 ? 6  DA  A OP2   1 
ATOM   104 O  "O5'" . DA  A 1 6  ? -9.326  2.116   0.467   1.00 11.11 ? 6  DA  A "O5'" 1 
ATOM   105 C  "C5'" . DA  A 1 6  ? -9.249  1.675   1.796   1.00 11.09 ? 6  DA  A "C5'" 1 
ATOM   106 C  "C4'" . DA  A 1 6  ? -7.904  2.029   2.346   1.00 10.94 ? 6  DA  A "C4'" 1 
ATOM   107 O  "O4'" . DA  A 1 6  ? -6.897  1.247   1.677   1.00 12.56 ? 6  DA  A "O4'" 1 
ATOM   108 C  "C3'" . DA  A 1 6  ? -7.510  3.501   2.160   1.00 9.73  ? 6  DA  A "C3'" 1 
ATOM   109 O  "O3'" . DA  A 1 6  ? -7.296  4.026   3.448   1.00 10.07 ? 6  DA  A "O3'" 1 
ATOM   110 C  "C2'" . DA  A 1 6  ? -6.242  3.455   1.284   1.00 11.18 ? 6  DA  A "C2'" 1 
ATOM   111 C  "C1'" . DA  A 1 6  ? -5.738  2.032   1.515   1.00 11.12 ? 6  DA  A "C1'" 1 
ATOM   112 N  N9    . DA  A 1 6  ? -5.012  1.451   0.396   1.00 10.27 ? 6  DA  A N9    1 
ATOM   113 C  C8    . DA  A 1 6  ? -5.423  1.373   -0.905  1.00 9.70  ? 6  DA  A C8    1 
ATOM   114 N  N7    . DA  A 1 6  ? -4.583  0.743   -1.691  1.00 10.52 ? 6  DA  A N7    1 
ATOM   115 C  C5    . DA  A 1 6  ? -3.565  0.350   -0.841  1.00 9.99  ? 6  DA  A C5    1 
ATOM   116 C  C6    . DA  A 1 6  ? -2.355  -0.363  -1.057  1.00 9.08  ? 6  DA  A C6    1 
ATOM   117 N  N6    . DA  A 1 6  ? -2.014  -0.842  -2.253  1.00 10.41 ? 6  DA  A N6    1 
ATOM   118 N  N1    . DA  A 1 6  ? -1.560  -0.593  0.007   1.00 9.25  ? 6  DA  A N1    1 
ATOM   119 C  C2    . DA  A 1 6  ? -1.933  -0.120  1.209   1.00 8.87  ? 6  DA  A C2    1 
ATOM   120 N  N3    . DA  A 1 6  ? -3.044  0.565   1.535   1.00 10.42 ? 6  DA  A N3    1 
ATOM   121 C  C4    . DA  A 1 6  ? -3.809  0.777   0.452   1.00 10.38 ? 6  DA  A C4    1 
ATOM   122 P  P     . DT  A 1 7  ? -6.795  5.514   3.742   1.00 10.73 ? 7  DT  A P     1 
ATOM   123 O  OP1   . DT  A 1 7  ? -7.328  5.884   5.084   1.00 11.69 ? 7  DT  A OP1   1 
ATOM   124 O  OP2   . DT  A 1 7  ? -7.057  6.372   2.600   1.00 10.29 ? 7  DT  A OP2   1 
ATOM   125 O  "O5'" . DT  A 1 7  ? -5.229  5.326   3.822   1.00 11.14 ? 7  DT  A "O5'" 1 
ATOM   126 C  "C5'" . DT  A 1 7  ? -4.687  4.457   4.777   1.00 11.67 ? 7  DT  A "C5'" 1 
ATOM   127 C  "C4'" . DT  A 1 7  ? -3.217  4.284   4.508   1.00 12.70 ? 7  DT  A "C4'" 1 
ATOM   128 O  "O4'" . DT  A 1 7  ? -3.013  3.663   3.229   1.00 11.78 ? 7  DT  A "O4'" 1 
ATOM   129 C  "C3'" . DT  A 1 7  ? -2.441  5.599   4.456   1.00 12.78 ? 7  DT  A "C3'" 1 
ATOM   130 O  "O3'" . DT  A 1 7  ? -1.654  5.652   5.624   1.00 12.73 ? 7  DT  A "O3'" 1 
ATOM   131 C  "C2'" . DT  A 1 7  ? -1.619  5.532   3.153   1.00 13.17 ? 7  DT  A "C2'" 1 
ATOM   132 C  "C1'" . DT  A 1 7  ? -1.744  4.069   2.757   1.00 11.05 ? 7  DT  A "C1'" 1 
ATOM   133 N  N1    . DT  A 1 7  ? -1.657  3.765   1.301   1.00 10.80 ? 7  DT  A N1    1 
ATOM   134 C  C2    . DT  A 1 7  ? -0.607  2.989   0.844   1.00 10.35 ? 7  DT  A C2    1 
ATOM   135 O  O2    . DT  A 1 7  ? 0.291   2.592   1.568   1.00 12.31 ? 7  DT  A O2    1 
ATOM   136 N  N3    . DT  A 1 7  ? -0.636  2.704   -0.472  1.00 10.95 ? 7  DT  A N3    1 
ATOM   137 C  C4    . DT  A 1 7  ? -1.573  3.099   -1.392  1.00 9.79  ? 7  DT  A C4    1 
ATOM   138 O  O4    . DT  A 1 7  ? -1.499  2.753   -2.561  1.00 10.37 ? 7  DT  A O4    1 
ATOM   139 C  C5    . DT  A 1 7  ? -2.661  3.923   -0.867  1.00 9.99  ? 7  DT  A C5    1 
ATOM   140 C  C7    . DT  A 1 7  ? -3.736  4.445   -1.776  1.00 12.23 ? 7  DT  A C7    1 
ATOM   141 C  C6    . DT  A 1 7  ? -2.644  4.213   0.431   1.00 9.27  ? 7  DT  A C6    1 
ATOM   142 P  P     . DT  A 1 8  ? -0.776  6.922   6.048   1.00 13.69 ? 8  DT  A P     1 
ATOM   143 O  OP1   . DT  A 1 8  ? -0.635  6.861   7.523   1.00 16.51 ? 8  DT  A OP1   1 
ATOM   144 O  OP2   . DT  A 1 8  ? -1.309  8.133   5.421   1.00 14.93 ? 8  DT  A OP2   1 
ATOM   145 O  "O5'" . DT  A 1 8  ? 0.630   6.627   5.392   1.00 14.46 ? 8  DT  A "O5'" 1 
ATOM   146 C  "C5'" . DT  A 1 8  ? 1.357   5.490   5.800   1.00 15.50 ? 8  DT  A "C5'" 1 
ATOM   147 C  "C4'" . DT  A 1 8  ? 2.560   5.305   4.915   1.00 15.20 ? 8  DT  A "C4'" 1 
ATOM   148 O  "O4'" . DT  A 1 8  ? 2.150   4.974   3.589   1.00 13.57 ? 8  DT  A "O4'" 1 
ATOM   149 C  "C3'" . DT  A 1 8  ? 3.461   6.522   4.795   1.00 15.48 ? 8  DT  A "C3'" 1 
ATOM   150 O  "O3'" . DT  A 1 8  ? 4.671   6.176   5.447   1.00 17.15 ? 8  DT  A "O3'" 1 
ATOM   151 C  "C2'" . DT  A 1 8  ? 3.653   6.725   3.276   1.00 14.87 ? 8  DT  A "C2'" 1 
ATOM   152 C  "C1'" . DT  A 1 8  ? 3.134   5.429   2.688   1.00 13.93 ? 8  DT  A "C1'" 1 
ATOM   153 N  N1    . DT  A 1 8  ? 2.495   5.533   1.369   1.00 13.17 ? 8  DT  A N1    1 
ATOM   154 C  C2    . DT  A 1 8  ? 3.002   4.786   0.330   1.00 13.51 ? 8  DT  A C2    1 
ATOM   155 O  O2    . DT  A 1 8  ? 4.020   4.106   0.417   1.00 13.34 ? 8  DT  A O2    1 
ATOM   156 N  N3    . DT  A 1 8  ? 2.317   4.891   -0.835  1.00 12.38 ? 8  DT  A N3    1 
ATOM   157 C  C4    . DT  A 1 8  ? 1.172   5.620   -1.063  1.00 12.35 ? 8  DT  A C4    1 
ATOM   158 O  O4    . DT  A 1 8  ? 0.637   5.605   -2.147  1.00 12.69 ? 8  DT  A O4    1 
ATOM   159 C  C5    . DT  A 1 8  ? 0.669   6.381   0.068   1.00 12.51 ? 8  DT  A C5    1 
ATOM   160 C  C7    . DT  A 1 8  ? -0.565  7.232   -0.067  1.00 14.00 ? 8  DT  A C7    1 
ATOM   161 C  C6    . DT  A 1 8  ? 1.347   6.301   1.222   1.00 12.35 ? 8  DT  A C6    1 
ATOM   162 P  P     . DC  A 1 9  ? 5.902   7.182   5.624   1.00 18.28 ? 9  DC  A P     1 
ATOM   163 O  OP1   . DC  A 1 9  ? 6.587   6.787   6.879   1.00 20.05 ? 9  DC  A OP1   1 
ATOM   164 O  OP2   . DC  A 1 9  ? 5.451   8.565   5.432   1.00 19.76 ? 9  DC  A OP2   1 
ATOM   165 O  "O5'" . DC  A 1 9  ? 6.832   6.805   4.401   1.00 17.35 ? 9  DC  A "O5'" 1 
ATOM   166 C  "C5'" . DC  A 1 9  ? 7.212   5.453   4.219   1.00 17.36 ? 9  DC  A "C5'" 1 
ATOM   167 C  "C4'" . DC  A 1 9  ? 7.956   5.305   2.922   1.00 19.18 ? 9  DC  A "C4'" 1 
ATOM   168 O  "O4'" . DC  A 1 9  ? 7.002   5.433   1.855   1.00 18.29 ? 9  DC  A "O4'" 1 
ATOM   169 C  "C3'" . DC  A 1 9  ? 9.003   6.384   2.684   1.00 20.78 ? 9  DC  A "C3'" 1 
ATOM   170 O  "O3'" . DC  A 1 9  ? 10.281  5.796   2.679   1.00 22.02 ? 9  DC  A "O3'" 1 
ATOM   171 C  "C2'" . DC  A 1 9  ? 8.650   7.011   1.327   1.00 19.51 ? 9  DC  A "C2'" 1 
ATOM   172 C  "C1'" . DC  A 1 9  ? 7.610   6.061   0.756   1.00 15.87 ? 9  DC  A "C1'" 1 
ATOM   173 N  N1    . DC  A 1 9  ? 6.537   6.711   0.061   1.00 14.23 ? 9  DC  A N1    1 
ATOM   174 C  C2    . DC  A 1 9  ? 6.234   6.326   -1.241  1.00 12.80 ? 9  DC  A C2    1 
ATOM   175 O  O2    . DC  A 1 9  ? 6.972   5.498   -1.827  1.00 15.13 ? 9  DC  A O2    1 
ATOM   176 N  N3    . DC  A 1 9  ? 5.174   6.909   -1.843  1.00 14.66 ? 9  DC  A N3    1 
ATOM   177 C  C4    . DC  A 1 9  ? 4.410   7.802   -1.174  1.00 12.14 ? 9  DC  A C4    1 
ATOM   178 N  N4    . DC  A 1 9  ? 3.355   8.317   -1.807  1.00 14.33 ? 9  DC  A N4    1 
ATOM   179 C  C5    . DC  A 1 9  ? 4.693   8.180   0.167   1.00 15.11 ? 9  DC  A C5    1 
ATOM   180 C  C6    . DC  A 1 9  ? 5.747   7.612   0.741   1.00 15.15 ? 9  DC  A C6    1 
ATOM   181 P  P     . DG  A 1 10 ? 11.604  6.676   2.966   1.00 24.55 ? 10 DG  A P     1 
ATOM   182 O  OP1   . DG  A 1 10 ? 12.585  5.786   3.622   1.00 25.71 ? 10 DG  A OP1   1 
ATOM   183 O  OP2   . DG  A 1 10 ? 11.224  7.962   3.606   1.00 23.89 ? 10 DG  A OP2   1 
ATOM   184 O  "O5'" . DG  A 1 10 ? 12.117  7.016   1.494   1.00 23.61 ? 10 DG  A "O5'" 1 
ATOM   185 C  "C5'" . DG  A 1 10 ? 12.430  5.962   0.597   1.00 23.79 ? 10 DG  A "C5'" 1 
ATOM   186 C  "C4'" . DG  A 1 10 ? 12.566  6.505   -0.803  1.00 22.79 ? 10 DG  A "C4'" 1 
ATOM   187 O  "O4'" . DG  A 1 10 ? 11.261  6.968   -1.254  1.00 21.33 ? 10 DG  A "O4'" 1 
ATOM   188 C  "C3'" . DG  A 1 10 ? 13.491  7.722   -0.928  1.00 24.28 ? 10 DG  A "C3'" 1 
ATOM   189 O  "O3'" . DG  A 1 10 ? 14.079  7.728   -2.204  1.00 26.31 ? 10 DG  A "O3'" 1 
ATOM   190 C  "C2'" . DG  A 1 10 ? 12.502  8.879   -0.800  1.00 22.12 ? 10 DG  A "C2'" 1 
ATOM   191 C  "C1'" . DG  A 1 10 ? 11.379  8.316   -1.647  1.00 19.92 ? 10 DG  A "C1'" 1 
ATOM   192 N  N9    . DG  A 1 10 ? 10.077  8.962   -1.503  1.00 18.35 ? 10 DG  A N9    1 
ATOM   193 C  C8    . DG  A 1 10 ? 9.572   9.651   -0.425  1.00 18.40 ? 10 DG  A C8    1 
ATOM   194 N  N7    . DG  A 1 10 ? 8.353   10.078  -0.605  1.00 17.32 ? 10 DG  A N7    1 
ATOM   195 C  C5    . DG  A 1 10 ? 8.030   9.641   -1.884  1.00 16.48 ? 10 DG  A C5    1 
ATOM   196 C  C6    . DG  A 1 10 ? 6.844   9.808   -2.652  1.00 13.56 ? 10 DG  A C6    1 
ATOM   197 O  O6    . DG  A 1 10 ? 5.815   10.409  -2.349  1.00 15.67 ? 10 DG  A O6    1 
ATOM   198 N  N1    . DG  A 1 10 ? 6.944   9.215   -3.898  1.00 13.34 ? 10 DG  A N1    1 
ATOM   199 C  C2    . DG  A 1 10 ? 8.059   8.545   -4.359  1.00 13.93 ? 10 DG  A C2    1 
ATOM   200 N  N2    . DG  A 1 10 ? 7.983   8.030   -5.587  1.00 14.30 ? 10 DG  A N2    1 
ATOM   201 N  N3    . DG  A 1 10 ? 9.164   8.367   -3.648  1.00 16.49 ? 10 DG  A N3    1 
ATOM   202 C  C4    . DG  A 1 10 ? 9.082   8.949   -2.437  1.00 15.00 ? 10 DG  A C4    1 
ATOM   203 P  P     . DC  A 1 11 ? 15.567  7.188   -2.458  1.00 28.26 ? 11 DC  A P     1 
ATOM   204 O  OP1   . DC  A 1 11 ? 15.809  6.018   -1.577  1.00 29.41 ? 11 DC  A OP1   1 
ATOM   205 O  OP2   . DC  A 1 11 ? 16.467  8.360   -2.391  1.00 28.26 ? 11 DC  A OP2   1 
ATOM   206 O  "O5'" . DC  A 1 11 ? 15.458  6.691   -3.995  1.00 28.15 ? 11 DC  A "O5'" 1 
ATOM   207 C  "C5'" . DC  A 1 11 ? 14.707  5.489   -4.315  1.00 26.76 ? 11 DC  A "C5'" 1 
ATOM   208 C  "C4'" . DC  A 1 11 ? 13.942  5.566   -5.657  1.00 26.38 ? 11 DC  A "C4'" 1 
ATOM   209 O  "O4'" . DC  A 1 11 ? 12.805  6.468   -5.561  1.00 25.81 ? 11 DC  A "O4'" 1 
ATOM   210 C  "C3'" . DC  A 1 11 ? 14.716  6.021   -6.894  1.00 24.41 ? 11 DC  A "C3'" 1 
ATOM   211 O  "O3'" . DC  A 1 11 ? 14.181  5.346   -8.054  1.00 24.52 ? 11 DC  A "O3'" 1 
ATOM   212 C  "C2'" . DC  A 1 11 ? 14.400  7.524   -6.923  1.00 24.00 ? 11 DC  A "C2'" 1 
ATOM   213 C  "C1'" . DC  A 1 11 ? 12.931  7.513   -6.513  1.00 23.09 ? 11 DC  A "C1'" 1 
ATOM   214 N  N1    . DC  A 1 11 ? 12.445  8.741   -5.842  1.00 20.73 ? 11 DC  A N1    1 
ATOM   215 C  C2    . DC  A 1 11 ? 11.204  9.273   -6.204  1.00 17.56 ? 11 DC  A C2    1 
ATOM   216 O  O2    . DC  A 1 11 ? 10.556  8.746   -7.123  1.00 17.43 ? 11 DC  A O2    1 
ATOM   217 N  N3    . DC  A 1 11 ? 10.734  10.350  -5.518  1.00 17.92 ? 11 DC  A N3    1 
ATOM   218 C  C4    . DC  A 1 11 ? 11.451  10.895  -4.532  1.00 17.92 ? 11 DC  A C4    1 
ATOM   219 N  N4    . DC  A 1 11 ? 10.945  11.965  -3.907  1.00 20.49 ? 11 DC  A N4    1 
ATOM   220 C  C5    . DC  A 1 11 ? 12.715  10.359  -4.146  1.00 19.16 ? 11 DC  A C5    1 
ATOM   221 C  C6    . DC  A 1 11 ? 13.162  9.286   -4.815  1.00 19.79 ? 11 DC  A C6    1 
ATOM   222 P  P     . DG  A 1 12 ? 15.024  5.241   -9.423  1.00 22.69 ? 12 DG  A P     1 
ATOM   223 O  OP1   . DG  A 1 12 ? 14.405  4.197   -10.276 1.00 24.82 ? 12 DG  A OP1   1 
ATOM   224 O  OP2   . DG  A 1 12 ? 16.455  5.144   -9.063  1.00 22.47 ? 12 DG  A OP2   1 
ATOM   225 O  "O5'" . DG  A 1 12 ? 14.811  6.676   -10.110 1.00 17.82 ? 12 DG  A "O5'" 1 
ATOM   226 C  "C5'" . DG  A 1 12 ? 13.676  6.912   -10.913 1.00 17.06 ? 12 DG  A "C5'" 1 
ATOM   227 C  "C4'" . DG  A 1 12 ? 13.549  8.388   -11.230 1.00 14.02 ? 12 DG  A "C4'" 1 
ATOM   228 O  "O4'" . DG  A 1 12 ? 13.288  9.101   -10.019 1.00 14.31 ? 12 DG  A "O4'" 1 
ATOM   229 C  "C3'" . DG  A 1 12 ? 14.804  9.065   -11.808 1.00 13.77 ? 12 DG  A "C3'" 1 
ATOM   230 O  "O3'" . DG  A 1 12 ? 14.722  9.134   -13.229 1.00 5.36  ? 12 DG  A "O3'" 1 
ATOM   231 C  "C2'" . DG  A 1 12 ? 14.807  10.469  -11.148 1.00 13.86 ? 12 DG  A "C2'" 1 
ATOM   232 C  "C1'" . DG  A 1 12 ? 13.545  10.442  -10.283 1.00 13.39 ? 12 DG  A "C1'" 1 
ATOM   233 N  N9    . DG  A 1 12 ? 13.668  11.129  -9.015  1.00 13.32 ? 12 DG  A N9    1 
ATOM   234 C  C8    . DG  A 1 12 ? 14.694  11.044  -8.115  1.00 13.35 ? 12 DG  A C8    1 
ATOM   235 N  N7    . DG  A 1 12 ? 14.504  11.773  -7.061  1.00 14.53 ? 12 DG  A N7    1 
ATOM   236 C  C5    . DG  A 1 12 ? 13.277  12.371  -7.275  1.00 13.56 ? 12 DG  A C5    1 
ATOM   237 C  C6    . DG  A 1 12 ? 12.539  13.263  -6.460  1.00 13.50 ? 12 DG  A C6    1 
ATOM   238 O  O6    . DG  A 1 12 ? 12.869  13.751  -5.361  1.00 14.31 ? 12 DG  A O6    1 
ATOM   239 N  N1    . DG  A 1 12 ? 11.316  13.625  -7.040  1.00 12.32 ? 12 DG  A N1    1 
ATOM   240 C  C2    . DG  A 1 12 ? 10.877  13.167  -8.266  1.00 9.94  ? 12 DG  A C2    1 
ATOM   241 N  N2    . DG  A 1 12 ? 9.725   13.641  -8.687  1.00 10.16 ? 12 DG  A N2    1 
ATOM   242 N  N3    . DG  A 1 12 ? 11.570  12.327  -9.030  1.00 10.28 ? 12 DG  A N3    1 
ATOM   243 C  C4    . DG  A 1 12 ? 12.745  11.970  -8.471  1.00 11.70 ? 12 DG  A C4    1 
ATOM   244 O  "O5'" . DC  B 1 1  ? 6.175   20.516  -4.324  1.00 26.16 ? 13 DC  B "O5'" 1 
ATOM   245 C  "C5'" . DC  B 1 1  ? 5.410   20.589  -5.525  1.00 20.07 ? 13 DC  B "C5'" 1 
ATOM   246 C  "C4'" . DC  B 1 1  ? 5.248   19.213  -6.180  1.00 17.75 ? 13 DC  B "C4'" 1 
ATOM   247 O  "O4'" . DC  B 1 1  ? 6.548   18.625  -6.453  1.00 15.84 ? 13 DC  B "O4'" 1 
ATOM   248 C  "C3'" . DC  B 1 1  ? 4.498   18.159  -5.366  1.00 16.60 ? 13 DC  B "C3'" 1 
ATOM   249 O  "O3'" . DC  B 1 1  ? 3.814   17.317  -6.240  1.00 17.01 ? 13 DC  B "O3'" 1 
ATOM   250 C  "C2'" . DC  B 1 1  ? 5.633   17.388  -4.714  1.00 15.93 ? 13 DC  B "C2'" 1 
ATOM   251 C  "C1'" . DC  B 1 1  ? 6.617   17.351  -5.869  1.00 14.06 ? 13 DC  B "C1'" 1 
ATOM   252 N  N1    . DC  B 1 1  ? 8.032   17.101  -5.472  1.00 13.05 ? 13 DC  B N1    1 
ATOM   253 C  C2    . DC  B 1 1  ? 8.727   16.014  -6.029  1.00 11.92 ? 13 DC  B C2    1 
ATOM   254 O  O2    . DC  B 1 1  ? 8.166   15.299  -6.878  1.00 11.40 ? 13 DC  B O2    1 
ATOM   255 N  N3    . DC  B 1 1  ? 10.008  15.806  -5.666  1.00 10.44 ? 13 DC  B N3    1 
ATOM   256 C  C4    . DC  B 1 1  ? 10.600  16.618  -4.764  1.00 10.10 ? 13 DC  B C4    1 
ATOM   257 N  N4    . DC  B 1 1  ? 11.861  16.364  -4.449  1.00 10.81 ? 13 DC  B N4    1 
ATOM   258 C  C5    . DC  B 1 1  ? 9.911   17.717  -4.171  1.00 12.33 ? 13 DC  B C5    1 
ATOM   259 C  C6    . DC  B 1 1  ? 8.649   17.931  -4.549  1.00 11.52 ? 13 DC  B C6    1 
ATOM   260 P  P     . DG  B 1 2  ? 2.215   17.346  -6.342  1.00 17.79 ? 14 DG  B P     1 
ATOM   261 O  OP1   . DG  B 1 2  ? 1.798   18.703  -6.727  1.00 20.01 ? 14 DG  B OP1   1 
ATOM   262 O  OP2   . DG  B 1 2  ? 1.643   16.717  -5.130  1.00 21.42 ? 14 DG  B OP2   1 
ATOM   263 O  "O5'" . DG  B 1 2  ? 1.954   16.378  -7.565  1.00 17.33 ? 14 DG  B "O5'" 1 
ATOM   264 C  "C5'" . DG  B 1 2  ? 2.533   16.691  -8.859  1.00 16.40 ? 14 DG  B "C5'" 1 
ATOM   265 C  "C4'" . DG  B 1 2  ? 3.002   15.426  -9.520  1.00 15.28 ? 14 DG  B "C4'" 1 
ATOM   266 O  "O4'" . DG  B 1 2  ? 4.287   15.042  -8.967  1.00 16.61 ? 14 DG  B "O4'" 1 
ATOM   267 C  "C3'" . DG  B 1 2  ? 2.050   14.257  -9.305  1.00 18.69 ? 14 DG  B "C3'" 1 
ATOM   268 O  "O3'" . DG  B 1 2  ? 1.662   13.727  -10.522 1.00 15.73 ? 14 DG  B "O3'" 1 
ATOM   269 C  "C2'" . DG  B 1 2  ? 2.826   13.250  -8.480  1.00 19.70 ? 14 DG  B "C2'" 1 
ATOM   270 C  "C1'" . DG  B 1 2  ? 4.287   13.662  -8.656  1.00 17.46 ? 14 DG  B "C1'" 1 
ATOM   271 N  N9    . DG  B 1 2  ? 5.061   13.515  -7.420  1.00 15.00 ? 14 DG  B N9    1 
ATOM   272 C  C8    . DG  B 1 2  ? 4.774   14.128  -6.232  1.00 15.48 ? 14 DG  B C8    1 
ATOM   273 N  N7    . DG  B 1 2  ? 5.584   13.814  -5.273  1.00 13.31 ? 14 DG  B N7    1 
ATOM   274 C  C5    . DG  B 1 2  ? 6.474   12.918  -5.850  1.00 12.02 ? 14 DG  B C5    1 
ATOM   275 C  C6    . DG  B 1 2  ? 7.594   12.272  -5.292  1.00 12.30 ? 14 DG  B C6    1 
ATOM   276 O  O6    . DG  B 1 2  ? 8.022   12.361  -4.136  1.00 13.42 ? 14 DG  B O6    1 
ATOM   277 N  N1    . DG  B 1 2  ? 8.240   11.451  -6.210  1.00 11.33 ? 14 DG  B N1    1 
ATOM   278 C  C2    . DG  B 1 2  ? 7.857   11.289  -7.520  1.00 10.72 ? 14 DG  B C2    1 
ATOM   279 N  N2    . DG  B 1 2  ? 8.591   10.446  -8.245  1.00 11.05 ? 14 DG  B N2    1 
ATOM   280 N  N3    . DG  B 1 2  ? 6.807   11.903  -8.068  1.00 11.34 ? 14 DG  B N3    1 
ATOM   281 C  C4    . DG  B 1 2  ? 6.163   12.706  -7.177  1.00 12.27 ? 14 DG  B C4    1 
ATOM   282 P  P     . DC  B 1 3  ? 0.561   12.564  -10.595 1.00 17.80 ? 15 DC  B P     1 
ATOM   283 O  OP1   . DC  B 1 3  ? -0.111  12.711  -11.899 1.00 17.46 ? 15 DC  B OP1   1 
ATOM   284 O  OP2   . DC  B 1 3  ? -0.241  12.571  -9.337  1.00 21.02 ? 15 DC  B OP2   1 
ATOM   285 O  "O5'" . DC  B 1 3  ? 1.408   11.231  -10.605 1.00 15.80 ? 15 DC  B "O5'" 1 
ATOM   286 C  "C5'" . DC  B 1 3  ? 2.269   10.926  -11.686 1.00 15.35 ? 15 DC  B "C5'" 1 
ATOM   287 C  "C4'" . DC  B 1 3  ? 3.174   9.772   -11.310 1.00 15.32 ? 15 DC  B "C4'" 1 
ATOM   288 O  "O4'" . DC  B 1 3  ? 3.954   10.164  -10.173 1.00 15.54 ? 15 DC  B "O4'" 1 
ATOM   289 C  "C3'" . DC  B 1 3  ? 2.455   8.502   -10.890 1.00 16.21 ? 15 DC  B "C3'" 1 
ATOM   290 O  "O3'" . DC  B 1 3  ? 2.322   7.678   -12.007 1.00 17.48 ? 15 DC  B "O3'" 1 
ATOM   291 C  "C2'" . DC  B 1 3  ? 3.389   7.876   -9.853  1.00 18.26 ? 15 DC  B "C2'" 1 
ATOM   292 C  "C1'" . DC  B 1 3  ? 4.214   9.048   -9.350  1.00 15.97 ? 15 DC  B "C1'" 1 
ATOM   293 N  N1    . DC  B 1 3  ? 3.977   9.463   -7.949  1.00 15.33 ? 15 DC  B N1    1 
ATOM   294 C  C2    . DC  B 1 3  ? 4.964   9.199   -7.004  1.00 13.84 ? 15 DC  B C2    1 
ATOM   295 O  O2    . DC  B 1 3  ? 5.959   8.568   -7.368  1.00 14.12 ? 15 DC  B O2    1 
ATOM   296 N  N3    . DC  B 1 3  ? 4.797   9.636   -5.737  1.00 13.42 ? 15 DC  B N3    1 
ATOM   297 C  C4    . DC  B 1 3  ? 3.678   10.298  -5.400  1.00 14.29 ? 15 DC  B C4    1 
ATOM   298 N  N4    . DC  B 1 3  ? 3.558   10.712  -4.142  1.00 13.82 ? 15 DC  B N4    1 
ATOM   299 C  C5    . DC  B 1 3  ? 2.653   10.582  -6.361  1.00 16.24 ? 15 DC  B C5    1 
ATOM   300 C  C6    . DC  B 1 3  ? 2.846   10.146  -7.613  1.00 15.97 ? 15 DC  B C6    1 
ATOM   301 P  P     . DG  B 1 4  ? 1.475   6.329   -11.934 1.00 19.32 ? 16 DG  B P     1 
ATOM   302 O  OP1   . DG  B 1 4  ? 1.051   5.989   -13.317 1.00 22.84 ? 16 DG  B OP1   1 
ATOM   303 O  OP2   . DG  B 1 4  ? 0.471   6.446   -10.853 1.00 22.16 ? 16 DG  B OP2   1 
ATOM   304 O  "O5'" . DG  B 1 4  ? 2.546   5.256   -11.483 1.00 20.51 ? 16 DG  B "O5'" 1 
ATOM   305 C  "C5'" . DG  B 1 4  ? 3.715   5.064   -12.220 1.00 19.70 ? 16 DG  B "C5'" 1 
ATOM   306 C  "C4'" . DG  B 1 4  ? 4.652   4.171   -11.446 1.00 20.55 ? 16 DG  B "C4'" 1 
ATOM   307 O  "O4'" . DG  B 1 4  ? 4.914   4.740   -10.132 1.00 18.98 ? 16 DG  B "O4'" 1 
ATOM   308 C  "C3'" . DG  B 1 4  ? 4.138   2.764   -11.202 1.00 21.69 ? 16 DG  B "C3'" 1 
ATOM   309 O  "O3'" . DG  B 1 4  ? 5.251   1.896   -11.275 1.00 23.86 ? 16 DG  B "O3'" 1 
ATOM   310 C  "C2'" . DG  B 1 4  ? 3.531   2.844   -9.789  1.00 20.06 ? 16 DG  B "C2'" 1 
ATOM   311 C  "C1'" . DG  B 1 4  ? 4.414   3.886   -9.114  1.00 17.62 ? 16 DG  B "C1'" 1 
ATOM   312 N  N9    . DG  B 1 4  ? 3.727   4.720   -8.120  1.00 16.81 ? 16 DG  B N9    1 
ATOM   313 C  C8    . DG  B 1 4  ? 2.462   5.254   -8.202  1.00 15.12 ? 16 DG  B C8    1 
ATOM   314 N  N7    . DG  B 1 4  ? 2.139   5.982   -7.168  1.00 15.13 ? 16 DG  B N7    1 
ATOM   315 C  C5    . DG  B 1 4  ? 3.257   5.920   -6.351  1.00 13.44 ? 16 DG  B C5    1 
ATOM   316 C  C6    . DG  B 1 4  ? 3.503   6.501   -5.096  1.00 11.20 ? 16 DG  B C6    1 
ATOM   317 O  O6    . DG  B 1 4  ? 2.754   7.219   -4.424  1.00 13.77 ? 16 DG  B O6    1 
ATOM   318 N  N1    . DG  B 1 4  ? 4.765   6.170   -4.605  1.00 11.91 ? 16 DG  B N1    1 
ATOM   319 C  C2    . DG  B 1 4  ? 5.688   5.395   -5.249  1.00 12.32 ? 16 DG  B C2    1 
ATOM   320 N  N2    . DG  B 1 4  ? 6.847   5.193   -4.617  1.00 14.08 ? 16 DG  B N2    1 
ATOM   321 N  N3    . DG  B 1 4  ? 5.481   4.853   -6.436  1.00 14.10 ? 16 DG  B N3    1 
ATOM   322 C  C4    . DG  B 1 4  ? 4.246   5.152   -6.925  1.00 13.15 ? 16 DG  B C4    1 
ATOM   323 P  P     . DA  B 1 5  ? 5.191   0.363   -10.827 1.00 24.37 ? 17 DA  B P     1 
ATOM   324 O  OP1   . DA  B 1 5  ? 6.047   -0.388  -11.769 1.00 26.30 ? 17 DA  B OP1   1 
ATOM   325 O  OP2   . DA  B 1 5  ? 3.793   -0.048  -10.633 1.00 22.95 ? 17 DA  B OP2   1 
ATOM   326 O  "O5'" . DA  B 1 5  ? 5.896   0.399   -9.412  1.00 23.76 ? 17 DA  B "O5'" 1 
ATOM   327 C  "C5'" . DA  B 1 5  ? 7.217   0.878   -9.308  1.00 22.67 ? 17 DA  B "C5'" 1 
ATOM   328 C  "C4'" . DA  B 1 5  ? 7.743   0.627   -7.921  1.00 23.40 ? 17 DA  B "C4'" 1 
ATOM   329 O  "O4'" . DA  B 1 5  ? 7.017   1.445   -6.973  1.00 21.77 ? 17 DA  B "O4'" 1 
ATOM   330 C  "C3'" . DA  B 1 5  ? 7.614   -0.808  -7.431  1.00 24.00 ? 17 DA  B "C3'" 1 
ATOM   331 O  "O3'" . DA  B 1 5  ? 8.762   -1.111  -6.644  1.00 26.14 ? 17 DA  B "O3'" 1 
ATOM   332 C  "C2'" . DA  B 1 5  ? 6.319   -0.781  -6.598  1.00 22.08 ? 17 DA  B "C2'" 1 
ATOM   333 C  "C1'" . DA  B 1 5  ? 6.344   0.627   -6.019  1.00 20.86 ? 17 DA  B "C1'" 1 
ATOM   334 N  N9    . DA  B 1 5  ? 5.032   1.230   -5.820  1.00 18.69 ? 17 DA  B N9    1 
ATOM   335 C  C8    . DA  B 1 5  ? 3.964   1.203   -6.686  1.00 16.53 ? 17 DA  B C8    1 
ATOM   336 N  N7    . DA  B 1 5  ? 2.937   1.905   -6.272  1.00 15.95 ? 17 DA  B N7    1 
ATOM   337 C  C5    . DA  B 1 5  ? 3.361   2.429   -5.060  1.00 14.97 ? 17 DA  B C5    1 
ATOM   338 C  C6    . DA  B 1 5  ? 2.733   3.269   -4.119  1.00 12.89 ? 17 DA  B C6    1 
ATOM   339 N  N6    . DA  B 1 5  ? 1.483   3.727   -4.281  1.00 12.71 ? 17 DA  B N6    1 
ATOM   340 N  N1    . DA  B 1 5  ? 3.427   3.617   -3.016  1.00 12.93 ? 17 DA  B N1    1 
ATOM   341 C  C2    . DA  B 1 5  ? 4.678   3.140   -2.871  1.00 14.63 ? 17 DA  B C2    1 
ATOM   342 N  N3    . DA  B 1 5  ? 5.367   2.357   -3.694  1.00 15.42 ? 17 DA  B N3    1 
ATOM   343 C  C4    . DA  B 1 5  ? 4.651   2.033   -4.774  1.00 15.74 ? 17 DA  B C4    1 
ATOM   344 P  P     . DA  B 1 6  ? 8.900   -2.495  -5.847  1.00 26.35 ? 18 DA  B P     1 
ATOM   345 O  OP1   . DA  B 1 6  ? 10.345  -2.815  -5.767  1.00 27.54 ? 18 DA  B OP1   1 
ATOM   346 O  OP2   . DA  B 1 6  ? 7.952   -3.489  -6.412  1.00 26.89 ? 18 DA  B OP2   1 
ATOM   347 O  "O5'" . DA  B 1 6  ? 8.384   -2.094  -4.389  1.00 23.81 ? 18 DA  B "O5'" 1 
ATOM   348 C  "C5'" . DA  B 1 6  ? 9.074   -1.146  -3.634  1.00 19.77 ? 18 DA  B "C5'" 1 
ATOM   349 C  "C4'" . DA  B 1 6  ? 8.407   -0.971  -2.286  1.00 18.42 ? 18 DA  B "C4'" 1 
ATOM   350 O  "O4'" . DA  B 1 6  ? 7.105   -0.355  -2.458  1.00 17.32 ? 18 DA  B "O4'" 1 
ATOM   351 C  "C3'" . DA  B 1 6  ? 8.184   -2.264  -1.505  1.00 19.48 ? 18 DA  B "C3'" 1 
ATOM   352 O  "O3'" . DA  B 1 6  ? 8.840   -2.114  -0.242  1.00 19.65 ? 18 DA  B "O3'" 1 
ATOM   353 C  "C2'" . DA  B 1 6  ? 6.633   -2.408  -1.401  1.00 17.15 ? 18 DA  B "C2'" 1 
ATOM   354 C  "C1'" . DA  B 1 6  ? 6.150   -0.979  -1.621  1.00 15.59 ? 18 DA  B "C1'" 1 
ATOM   355 N  N9    . DA  B 1 6  ? 4.845   -0.822  -2.277  1.00 14.22 ? 18 DA  B N9    1 
ATOM   356 C  C8    . DA  B 1 6  ? 4.446   -1.337  -3.475  1.00 14.50 ? 18 DA  B C8    1 
ATOM   357 N  N7    . DA  B 1 6  ? 3.227   -0.986  -3.838  1.00 15.22 ? 18 DA  B N7    1 
ATOM   358 C  C5    . DA  B 1 6  ? 2.822   -0.143  -2.820  1.00 13.83 ? 18 DA  B C5    1 
ATOM   359 C  C6    . DA  B 1 6  ? 1.622   0.584   -2.585  1.00 11.31 ? 18 DA  B C6    1 
ATOM   360 N  N6    . DA  B 1 6  ? 0.589   0.589   -3.422  1.00 13.11 ? 18 DA  B N6    1 
ATOM   361 N  N1    . DA  B 1 6  ? 1.545   1.298   -1.435  1.00 10.96 ? 18 DA  B N1    1 
ATOM   362 C  C2    . DA  B 1 6  ? 2.583   1.307   -0.602  1.00 12.14 ? 18 DA  B C2    1 
ATOM   363 N  N3    . DA  B 1 6  ? 3.751   0.674   -0.715  1.00 12.27 ? 18 DA  B N3    1 
ATOM   364 C  C4    . DA  B 1 6  ? 3.802   -0.037  -1.849  1.00 12.60 ? 18 DA  B C4    1 
ATOM   365 P  P     . DT  B 1 7  ? 8.806   -3.249  0.889   1.00 21.21 ? 19 DT  B P     1 
ATOM   366 O  OP1   . DT  B 1 7  ? 10.018  -3.085  1.722   1.00 23.71 ? 19 DT  B OP1   1 
ATOM   367 O  OP2   . DT  B 1 7  ? 8.483   -4.538  0.272   1.00 21.24 ? 19 DT  B OP2   1 
ATOM   368 O  "O5'" . DT  B 1 7  ? 7.542   -2.828  1.744   1.00 17.65 ? 19 DT  B "O5'" 1 
ATOM   369 C  "C5'" . DT  B 1 7  ? 7.434   -1.564  2.302   1.00 17.23 ? 19 DT  B "C5'" 1 
ATOM   370 C  "C4'" . DT  B 1 7  ? 6.043   -1.420  2.870   1.00 14.29 ? 19 DT  B "C4'" 1 
ATOM   371 O  "O4'" . DT  B 1 7  ? 5.087   -1.399  1.806   1.00 12.94 ? 19 DT  B "O4'" 1 
ATOM   372 C  "C3'" . DT  B 1 7  ? 5.601   -2.563  3.797   1.00 13.33 ? 19 DT  B "C3'" 1 
ATOM   373 O  "O3'" . DT  B 1 7  ? 5.639   -2.062  5.112   1.00 15.07 ? 19 DT  B "O3'" 1 
ATOM   374 C  "C2'" . DT  B 1 7  ? 4.171   -2.931  3.321   1.00 13.78 ? 19 DT  B "C2'" 1 
ATOM   375 C  "C1'" . DT  B 1 7  ? 3.849   -1.789  2.363   1.00 11.30 ? 19 DT  B "C1'" 1 
ATOM   376 N  N1    . DT  B 1 7  ? 2.934   -2.092  1.238   1.00 11.62 ? 19 DT  B N1    1 
ATOM   377 C  C2    . DT  B 1 7  ? 1.700   -1.442  1.183   1.00 10.40 ? 19 DT  B C2    1 
ATOM   378 O  O2    . DT  B 1 7  ? 1.309   -0.678  2.064   1.00 12.56 ? 19 DT  B O2    1 
ATOM   379 N  N3    . DT  B 1 7  ? 0.947   -1.736  0.089   1.00 10.29 ? 19 DT  B N3    1 
ATOM   380 C  C4    . DT  B 1 7  ? 1.272   -2.577  -0.949  1.00 10.58 ? 19 DT  B C4    1 
ATOM   381 O  O4    . DT  B 1 7  ? 0.520   -2.745  -1.893  1.00 11.51 ? 19 DT  B O4    1 
ATOM   382 C  C5    . DT  B 1 7  ? 2.581   -3.223  -0.847  1.00 11.40 ? 19 DT  B C5    1 
ATOM   383 C  C7    . DT  B 1 7  ? 3.031   -4.178  -1.913  1.00 14.16 ? 19 DT  B C7    1 
ATOM   384 C  C6    . DT  B 1 7  ? 3.342   -2.945  0.222   1.00 12.54 ? 19 DT  B C6    1 
ATOM   385 P  P     . DT  B 1 8  ? 5.269   -2.932  6.411   1.00 15.72 ? 20 DT  B P     1 
ATOM   386 O  OP1   . DT  B 1 8  ? 5.944   -2.275  7.540   1.00 18.22 ? 20 DT  B OP1   1 
ATOM   387 O  OP2   . DT  B 1 8  ? 5.484   -4.372  6.155   1.00 15.32 ? 20 DT  B OP2   1 
ATOM   388 O  "O5'" . DT  B 1 8  ? 3.699   -2.708  6.559   1.00 13.70 ? 20 DT  B "O5'" 1 
ATOM   389 C  "C5'" . DT  B 1 8  ? 3.198   -1.419  6.752   1.00 13.44 ? 20 DT  B "C5'" 1 
ATOM   390 C  "C4'" . DT  B 1 8  ? 1.693   -1.441  6.678   1.00 13.13 ? 20 DT  B "C4'" 1 
ATOM   391 O  "O4'" . DT  B 1 8  ? 1.269   -1.836  5.361   1.00 12.22 ? 20 DT  B "O4'" 1 
ATOM   392 C  "C3'" . DT  B 1 8  ? 1.014   -2.415  7.642   1.00 12.96 ? 20 DT  B "C3'" 1 
ATOM   393 O  "O3'" . DT  B 1 8  ? 0.257   -1.646  8.528   1.00 15.20 ? 20 DT  B "O3'" 1 
ATOM   394 C  "C2'" . DT  B 1 8  ? 0.144   -3.323  6.732   1.00 13.40 ? 20 DT  B "C2'" 1 
ATOM   395 C  "C1'" . DT  B 1 8  ? 0.016   -2.479  5.480   1.00 10.68 ? 20 DT  B "C1'" 1 
ATOM   396 N  N1    . DT  B 1 8  ? -0.205  -3.182  4.218   1.00 10.12 ? 20 DT  B N1    1 
ATOM   397 C  C2    . DT  B 1 8  ? -1.333  -2.904  3.484   1.00 8.96  ? 20 DT  B C2    1 
ATOM   398 O  O2    . DT  B 1 8  ? -2.227  -2.167  3.878   1.00 10.53 ? 20 DT  B O2    1 
ATOM   399 N  N3    . DT  B 1 8  ? -1.397  -3.522  2.256   1.00 9.25  ? 20 DT  B N3    1 
ATOM   400 C  C4    . DT  B 1 8  ? -0.461  -4.402  1.709   1.00 9.71  ? 20 DT  B C4    1 
ATOM   401 O  O4    . DT  B 1 8  ? -0.610  -4.885  0.584   1.00 10.76 ? 20 DT  B O4    1 
ATOM   402 C  C5    . DT  B 1 8  ? 0.701   -4.666  2.544   1.00 9.91  ? 20 DT  B C5    1 
ATOM   403 C  C7    . DT  B 1 8  ? 1.788   -5.596  2.067   1.00 13.26 ? 20 DT  B C7    1 
ATOM   404 C  C6    . DT  B 1 8  ? 0.774   -4.043  3.738   1.00 10.04 ? 20 DT  B C6    1 
ATOM   405 P  P     . DC  B 1 9  ? -0.476  -2.279  9.813   1.00 18.02 ? 21 DC  B P     1 
ATOM   406 O  OP1   . DC  B 1 9  ? -0.512  -1.237  10.846  1.00 20.70 ? 21 DC  B OP1   1 
ATOM   407 O  OP2   . DC  B 1 9  ? 0.110   -3.595  10.098  1.00 20.49 ? 21 DC  B OP2   1 
ATOM   408 O  "O5'" . DC  B 1 9  ? -1.959  -2.537  9.307   1.00 14.54 ? 21 DC  B "O5'" 1 
ATOM   409 C  "C5'" . DC  B 1 9  ? -2.724  -1.457  8.834   1.00 13.71 ? 21 DC  B "C5'" 1 
ATOM   410 C  "C4'" . DC  B 1 9  ? -3.986  -1.971  8.212   1.00 9.91  ? 21 DC  B "C4'" 1 
ATOM   411 O  "O4'" . DC  B 1 9  ? -3.658  -2.684  7.006   1.00 10.78 ? 21 DC  B "O4'" 1 
ATOM   412 C  "C3'" . DC  B 1 9  ? -4.764  -2.946  9.084   1.00 12.12 ? 21 DC  B "C3'" 1 
ATOM   413 O  "O3'" . DC  B 1 9  ? -5.985  -2.313  9.430   1.00 11.54 ? 21 DC  B "O3'" 1 
ATOM   414 C  "C2'" . DC  B 1 9  ? -4.951  -4.212  8.207   1.00 12.48 ? 21 DC  B "C2'" 1 
ATOM   415 C  "C1'" . DC  B 1 9  ? -4.636  -3.687  6.823   1.00 11.63 ? 21 DC  B "C1'" 1 
ATOM   416 N  N1    . DC  B 1 9  ? -4.029  -4.636  5.862   1.00 10.21 ? 21 DC  B N1    1 
ATOM   417 C  C2    . DC  B 1 9  ? -4.638  -4.835  4.614   1.00 9.40  ? 21 DC  B C2    1 
ATOM   418 O  O2    . DC  B 1 9  ? -5.756  -4.345  4.405   1.00 10.99 ? 21 DC  B O2    1 
ATOM   419 N  N3    . DC  B 1 9  ? -4.009  -5.611  3.703   1.00 9.25  ? 21 DC  B N3    1 
ATOM   420 C  C4    . DC  B 1 9  ? -2.822  -6.128  3.988   1.00 8.70  ? 21 DC  B C4    1 
ATOM   421 N  N4    . DC  B 1 9  ? -2.206  -6.858  3.049   1.00 9.27  ? 21 DC  B N4    1 
ATOM   422 C  C5    . DC  B 1 9  ? -2.176  -5.921  5.239   1.00 9.66  ? 21 DC  B C5    1 
ATOM   423 C  C6    . DC  B 1 9  ? -2.799  -5.170  6.127   1.00 10.13 ? 21 DC  B C6    1 
ATOM   424 P  P     . DG  B 1 10 ? -6.937  -2.885  10.574  1.00 12.45 ? 22 DG  B P     1 
ATOM   425 O  OP1   . DG  B 1 10 ? -7.763  -1.756  11.069  1.00 13.43 ? 22 DG  B OP1   1 
ATOM   426 O  OP2   . DG  B 1 10 ? -6.159  -3.647  11.548  1.00 13.45 ? 22 DG  B OP2   1 
ATOM   427 O  "O5'" . DG  B 1 10 ? -7.866  -3.911  9.784   1.00 12.37 ? 22 DG  B "O5'" 1 
ATOM   428 C  "C5'" . DG  B 1 10 ? -8.720  -3.454  8.745   1.00 11.72 ? 22 DG  B "C5'" 1 
ATOM   429 C  "C4'" . DG  B 1 10 ? -9.348  -4.648  8.071   1.00 12.74 ? 22 DG  B "C4'" 1 
ATOM   430 O  "O4'" . DG  B 1 10 ? -8.354  -5.307  7.229   1.00 10.64 ? 22 DG  B "O4'" 1 
ATOM   431 C  "C3'" . DG  B 1 10 ? -9.828  -5.749  9.017   1.00 12.46 ? 22 DG  B "C3'" 1 
ATOM   432 O  "O3'" . DG  B 1 10 ? -10.991 -6.320  8.455   1.00 14.53 ? 22 DG  B "O3'" 1 
ATOM   433 C  "C2'" . DG  B 1 10 ? -8.678  -6.765  8.978   1.00 11.07 ? 22 DG  B "C2'" 1 
ATOM   434 C  "C1'" . DG  B 1 10 ? -8.391  -6.688  7.501   1.00 10.15 ? 22 DG  B "C1'" 1 
ATOM   435 N  N9    . DG  B 1 10 ? -7.144  -7.282  7.045   1.00 8.70  ? 22 DG  B N9    1 
ATOM   436 C  C8    . DG  B 1 10 ? -5.970  -7.479  7.741   1.00 10.55 ? 22 DG  B C8    1 
ATOM   437 N  N7    . DG  B 1 10 ? -5.015  -8.007  7.026   1.00 9.06  ? 22 DG  B N7    1 
ATOM   438 C  C5    . DG  B 1 10 ? -5.597  -8.169  5.765   1.00 8.61  ? 22 DG  B C5    1 
ATOM   439 C  C6    . DG  B 1 10 ? -5.066  -8.735  4.573   1.00 8.74  ? 22 DG  B C6    1 
ATOM   440 O  O6    . DG  B 1 10 ? -3.938  -9.154  4.385   1.00 9.06  ? 22 DG  B O6    1 
ATOM   441 N  N1    . DG  B 1 10 ? -6.010  -8.741  3.532   1.00 8.61  ? 22 DG  B N1    1 
ATOM   442 C  C2    . DG  B 1 10 ? -7.287  -8.271  3.641   1.00 9.23  ? 22 DG  B C2    1 
ATOM   443 N  N2    . DG  B 1 10 ? -8.053  -8.349  2.549   1.00 8.38  ? 22 DG  B N2    1 
ATOM   444 N  N3    . DG  B 1 10 ? -7.796  -7.745  4.745   1.00 8.79  ? 22 DG  B N3    1 
ATOM   445 C  C4    . DG  B 1 10 ? -6.899  -7.740  5.766   1.00 7.94  ? 22 DG  B C4    1 
ATOM   446 P  P     . DC  B 1 11 ? -12.267 -6.658  9.332   1.00 17.87 ? 23 DC  B P     1 
ATOM   447 O  OP1   . DC  B 1 11 ? -12.925 -5.397  9.718   1.00 20.77 ? 23 DC  B OP1   1 
ATOM   448 O  OP2   . DC  B 1 11 ? -11.875 -7.636  10.345  1.00 20.21 ? 23 DC  B OP2   1 
ATOM   449 O  "O5'" . DC  B 1 11 ? -13.188 -7.401  8.270   1.00 17.72 ? 23 DC  B "O5'" 1 
ATOM   450 C  "C5'" . DC  B 1 11 ? -13.572 -6.736  7.061   1.00 17.80 ? 23 DC  B "C5'" 1 
ATOM   451 C  "C4'" . DC  B 1 11 ? -13.736 -7.752  5.959   1.00 16.89 ? 23 DC  B "C4'" 1 
ATOM   452 O  "O4'" . DC  B 1 11 ? -12.425 -8.151  5.498   1.00 16.55 ? 23 DC  B "O4'" 1 
ATOM   453 C  "C3'" . DC  B 1 11 ? -14.446 -9.021  6.426   1.00 18.29 ? 23 DC  B "C3'" 1 
ATOM   454 O  "O3'" . DC  B 1 11 ? -15.533 -9.309  5.590   1.00 19.50 ? 23 DC  B "O3'" 1 
ATOM   455 C  "C2'" . DC  B 1 11 ? -13.396 -10.112 6.385   1.00 19.70 ? 23 DC  B "C2'" 1 
ATOM   456 C  "C1'" . DC  B 1 11 ? -12.346 -9.556  5.435   1.00 16.53 ? 23 DC  B "C1'" 1 
ATOM   457 N  N1    . DC  B 1 11 ? -10.992 -9.933  5.850   1.00 13.90 ? 23 DC  B N1    1 
ATOM   458 C  C2    . DC  B 1 11 ? -10.127 -10.559 4.944   1.00 11.61 ? 23 DC  B C2    1 
ATOM   459 O  O2    . DC  B 1 11 ? -10.515 -10.759 3.788   1.00 11.92 ? 23 DC  B O2    1 
ATOM   460 N  N3    . DC  B 1 11 ? -8.886  -10.904 5.367   1.00 9.99  ? 23 DC  B N3    1 
ATOM   461 C  C4    . DC  B 1 11 ? -8.512  -10.669 6.649   1.00 9.66  ? 23 DC  B C4    1 
ATOM   462 N  N4    . DC  B 1 11 ? -7.290  -11.023 7.005   1.00 10.17 ? 23 DC  B N4    1 
ATOM   463 C  C5    . DC  B 1 11 ? -9.391  -10.053 7.589   1.00 12.60 ? 23 DC  B C5    1 
ATOM   464 C  C6    . DC  B 1 11 ? -10.607 -9.718  7.160   1.00 12.18 ? 23 DC  B C6    1 
ATOM   465 P  P     . DG  B 1 12 ? -16.556 -10.476 5.996   1.00 22.54 ? 24 DG  B P     1 
ATOM   466 O  OP1   . DG  B 1 12 ? -17.904 -10.084 5.537   1.00 24.45 ? 24 DG  B OP1   1 
ATOM   467 O  OP2   . DG  B 1 12 ? -16.304 -10.824 7.400   1.00 19.88 ? 24 DG  B OP2   1 
ATOM   468 O  "O5'" . DG  B 1 12 ? -16.055 -11.705 5.119   1.00 18.47 ? 24 DG  B "O5'" 1 
ATOM   469 C  "C5'" . DG  B 1 12 ? -16.061 -11.633 3.723   1.00 18.36 ? 24 DG  B "C5'" 1 
ATOM   470 C  "C4'" . DG  B 1 12 ? -15.211 -12.754 3.188   1.00 17.61 ? 24 DG  B "C4'" 1 
ATOM   471 O  "O4'" . DG  B 1 12 ? -13.847 -12.492 3.525   1.00 15.48 ? 24 DG  B "O4'" 1 
ATOM   472 C  "C3'" . DG  B 1 12 ? -15.461 -14.085 3.860   1.00 17.25 ? 24 DG  B "C3'" 1 
ATOM   473 O  "O3'" . DG  B 1 12 ? -16.582 -14.693 3.325   1.00 19.11 ? 24 DG  B "O3'" 1 
ATOM   474 C  "C2'" . DG  B 1 12 ? -14.199 -14.841 3.514   1.00 18.04 ? 24 DG  B "C2'" 1 
ATOM   475 C  "C1'" . DG  B 1 12 ? -13.154 -13.725 3.555   1.00 15.73 ? 24 DG  B "C1'" 1 
ATOM   476 N  N9    . DG  B 1 12 ? -12.290 -13.728 4.722   1.00 13.68 ? 24 DG  B N9    1 
ATOM   477 C  C8    . DG  B 1 12 ? -12.575 -13.289 5.995   1.00 14.26 ? 24 DG  B C8    1 
ATOM   478 N  N7    . DG  B 1 12 ? -11.549 -13.375 6.811   1.00 13.45 ? 24 DG  B N7    1 
ATOM   479 C  C5    . DG  B 1 12 ? -10.532 -13.891 6.021   1.00 11.60 ? 24 DG  B C5    1 
ATOM   480 C  C6    . DG  B 1 12 ? -9.186  -14.209 6.318   1.00 11.17 ? 24 DG  B C6    1 
ATOM   481 O  O6    . DG  B 1 12 ? -8.592  -14.103 7.392   1.00 13.08 ? 24 DG  B O6    1 
ATOM   482 N  N1    . DG  B 1 12 ? -8.503  -14.707 5.208   1.00 11.73 ? 24 DG  B N1    1 
ATOM   483 C  C2    . DG  B 1 12 ? -9.053  -14.880 3.970   1.00 11.52 ? 24 DG  B C2    1 
ATOM   484 N  N2    . DG  B 1 12 ? -8.253  -15.386 3.024   1.00 11.02 ? 24 DG  B N2    1 
ATOM   485 N  N3    . DG  B 1 12 ? -10.299 -14.588 3.677   1.00 10.11 ? 24 DG  B N3    1 
ATOM   486 C  C4    . DG  B 1 12 ? -10.975 -14.089 4.735   1.00 11.06 ? 24 DG  B C4    1 
HETATM 487 N  NAA   . D83 C 2 .  ? -8.209  -0.677  7.098   1.00 31.48 ? 13 D83 A NAA   1 
HETATM 488 N  NAB   . D83 C 2 .  ? 8.048   1.664   2.470   1.00 26.72 ? 13 D83 A NAB   1 
HETATM 489 N  NAC   . D83 C 2 .  ? -8.622  1.208   5.797   1.00 31.80 ? 13 D83 A NAC   1 
HETATM 490 N  NAD   . D83 C 2 .  ? 6.514   2.424   0.874   1.00 24.49 ? 13 D83 A NAD   1 
HETATM 491 C  CAE   . D83 C 2 .  ? -5.735  1.441   7.090   1.00 24.76 ? 13 D83 A CAE   1 
HETATM 492 C  CAF   . D83 C 2 .  ? -5.738  -0.134  5.251   1.00 24.03 ? 13 D83 A CAF   1 
HETATM 493 C  CAG   . D83 C 2 .  ? -4.357  1.620   6.940   1.00 22.69 ? 13 D83 A CAG   1 
HETATM 494 C  CAH   . D83 C 2 .  ? -4.360  0.042   5.101   1.00 21.53 ? 13 D83 A CAH   1 
HETATM 495 C  CAI   . D83 C 2 .  ? -1.450  1.624   6.760   1.00 21.59 ? 13 D83 A CAI   1 
HETATM 496 C  CAJ   . D83 C 2 .  ? -1.753  0.806   4.507   1.00 20.55 ? 13 D83 A CAJ   1 
HETATM 497 C  CAK   . D83 C 2 .  ? -0.077  1.824   6.476   1.00 20.62 ? 13 D83 A CAK   1 
HETATM 498 C  CAL   . D83 C 2 .  ? -0.404  0.996   4.241   1.00 21.95 ? 13 D83 A CAL   1 
HETATM 499 C  CAM   . D83 C 2 .  ? 6.142   2.246   4.432   1.00 26.37 ? 13 D83 A CAM   1 
HETATM 500 C  CAN   . D83 C 2 .  ? 5.135   2.210   5.388   1.00 25.85 ? 13 D83 A CAN   1 
HETATM 501 C  CAO   . D83 C 2 .  ? 4.487   1.820   2.755   1.00 24.10 ? 13 D83 A CAO   1 
HETATM 502 C  CAP   . D83 C 2 .  ? 2.732   1.898   5.755   1.00 24.59 ? 13 D83 A CAP   1 
HETATM 503 N  NAQ   . D83 C 2 .  ? 2.226   1.587   3.661   1.00 24.49 ? 13 D83 A NAQ   1 
HETATM 504 C  CAR   . D83 C 2 .  ? -7.794  0.375   6.408   1.00 28.41 ? 13 D83 A CAR   1 
HETATM 505 C  CAS   . D83 C 2 .  ? 6.832   2.084   2.123   1.00 25.58 ? 13 D83 A CAS   1 
HETATM 506 C  CAT   . D83 C 2 .  ? -6.422  0.564   6.249   1.00 26.30 ? 13 D83 A CAT   1 
HETATM 507 C  CAU   . D83 C 2 .  ? 5.819   2.059   3.098   1.00 24.73 ? 13 D83 A CAU   1 
HETATM 508 C  CAV   . D83 C 2 .  ? -3.664  0.909   5.954   1.00 22.40 ? 13 D83 A CAV   1 
HETATM 509 C  CAW   . D83 C 2 .  ? -2.288  1.102   5.755   1.00 20.97 ? 13 D83 A CAW   1 
HETATM 510 C  CAX   . D83 C 2 .  ? 0.440   1.497   5.206   1.00 22.81 ? 13 D83 A CAX   1 
HETATM 511 C  CAY   . D83 C 2 .  ? 1.746   1.666   4.896   1.00 22.65 ? 13 D83 A CAY   1 
HETATM 512 C  CAZ   . D83 C 2 .  ? 3.866   1.985   5.027   1.00 24.14 ? 13 D83 A CAZ   1 
HETATM 513 C  CBA   . D83 C 2 .  ? 3.541   1.787   3.721   1.00 24.43 ? 13 D83 A CBA   1 
HETATM 514 MG MG    . MG  D 3 .  ? -1.198  -11.634 6.306   1.00 10.20 ? 14 MG  A MG    1 
HETATM 515 MG MG    . MG  E 3 .  ? -1.773  0.197   12.434  1.00 38.63 ? 1  MG  B MG    1 
HETATM 516 MG MG    . MG  F 3 .  ? -1.231  6.539   -9.773  1.00 31.97 ? 25 MG  B MG    1 
HETATM 517 O  O     . HOH G 4 .  ? -11.483 4.417   4.331   1.00 16.95 ? 15 HOH A O     1 
HETATM 518 O  O     . HOH G 4 .  ? -2.193  -7.477  -3.033  1.00 24.74 ? 16 HOH A O     1 
HETATM 519 O  O     . HOH G 4 .  ? -14.542 2.922   0.132   1.00 17.91 ? 17 HOH A O     1 
HETATM 520 O  O     . HOH G 4 .  ? -1.339  -12.770 4.569   1.00 11.52 ? 18 HOH A O     1 
HETATM 521 O  O     . HOH G 4 .  ? -0.879  -7.603  -0.615  1.00 22.52 ? 19 HOH A O     1 
HETATM 522 O  O     . HOH G 4 .  ? -4.189  -12.147 9.200   1.00 21.48 ? 20 HOH A O     1 
HETATM 523 O  O     . HOH G 4 .  ? 1.886   -9.596  2.326   1.00 18.03 ? 21 HOH A O     1 
HETATM 524 O  O     . HOH G 4 .  ? -4.787  6.847   0.968   1.00 15.25 ? 22 HOH A O     1 
HETATM 525 O  O     . HOH G 4 .  ? -9.972  6.697   4.880   1.00 12.48 ? 23 HOH A O     1 
HETATM 526 O  O     . HOH G 4 .  ? -1.090  9.319   2.945   1.00 21.77 ? 24 HOH A O     1 
HETATM 527 O  O     . HOH G 4 .  ? -3.913  -3.273  -4.744  1.00 36.77 ? 25 HOH A O     1 
HETATM 528 O  O     . HOH G 4 .  ? -7.713  3.497   -2.102  1.00 15.88 ? 26 HOH A O     1 
HETATM 529 O  O     . HOH G 4 .  ? 1.831   10.370  -0.452  1.00 19.64 ? 27 HOH A O     1 
HETATM 530 O  O     . HOH G 4 .  ? -0.215  -14.668 0.748   1.00 16.22 ? 28 HOH A O     1 
HETATM 531 O  O     . HOH G 4 .  ? -4.920  0.715   -4.430  1.00 22.45 ? 29 HOH A O     1 
HETATM 532 O  O     . HOH G 4 .  ? -0.165  -10.067 0.627   1.00 20.71 ? 30 HOH A O     1 
HETATM 533 O  O     . HOH G 4 .  ? -4.395  -19.003 6.774   1.00 15.85 ? 31 HOH A O     1 
HETATM 534 O  O     . HOH G 4 .  ? -3.242  -11.735 6.596   1.00 10.01 ? 32 HOH A O     1 
HETATM 535 O  O     . HOH G 4 .  ? 1.650   9.505   2.148   1.00 22.34 ? 33 HOH A O     1 
HETATM 536 O  O     A HOH G 4 .  ? -12.511 -0.671  -6.819  0.50 18.16 ? 34 HOH A O     1 
HETATM 537 O  O     B HOH G 4 .  ? -12.595 0.125   -5.095  0.50 20.21 ? 34 HOH A O     1 
HETATM 538 O  O     . HOH G 4 .  ? -2.903  -0.989  -5.253  1.00 26.23 ? 35 HOH A O     1 
HETATM 539 O  O     . HOH G 4 .  ? 0.313   -12.393 -0.818  1.00 21.49 ? 36 HOH A O     1 
HETATM 540 O  O     . HOH G 4 .  ? 4.854   10.031  3.193   1.00 26.92 ? 37 HOH A O     1 
HETATM 541 O  O     . HOH G 4 .  ? 10.263  5.738   -4.410  1.00 22.96 ? 38 HOH A O     1 
HETATM 542 O  O     . HOH G 4 .  ? -14.073 -1.671  0.541   1.00 25.24 ? 39 HOH A O     1 
HETATM 543 O  O     . HOH G 4 .  ? -1.469  -11.768 -3.198  1.00 30.16 ? 40 HOH A O     1 
HETATM 544 O  O     . HOH G 4 .  ? -2.266  -19.664 8.445   1.00 19.18 ? 41 HOH A O     1 
HETATM 545 O  O     . HOH G 4 .  ? -1.536  -21.807 -0.402  1.00 29.13 ? 42 HOH A O     1 
HETATM 546 O  O     . HOH G 4 .  ? -5.024  -17.178 8.988   1.00 20.12 ? 43 HOH A O     1 
HETATM 547 O  O     . HOH G 4 .  ? -1.975  -5.037  -3.946  1.00 31.55 ? 44 HOH A O     1 
HETATM 548 O  O     . HOH G 4 .  ? -1.329  6.576   -3.885  1.00 22.85 ? 45 HOH A O     1 
HETATM 549 O  O     A HOH G 4 .  ? 2.428   -18.925 3.066   0.50 20.83 ? 46 HOH A O     1 
HETATM 550 O  O     B HOH G 4 .  ? 2.144   -17.531 2.180   0.50 18.84 ? 46 HOH A O     1 
HETATM 551 O  O     . HOH G 4 .  ? 16.683  11.770  -5.305  1.00 25.71 ? 47 HOH A O     1 
HETATM 552 O  O     . HOH G 4 .  ? -3.871  -6.159  -6.406  1.00 36.76 ? 48 HOH A O     1 
HETATM 553 O  O     . HOH G 4 .  ? -2.903  3.187   -4.844  1.00 26.97 ? 49 HOH A O     1 
HETATM 554 O  O     . HOH G 4 .  ? -1.476  -13.892 9.930   1.00 17.99 ? 50 HOH A O     1 
HETATM 555 O  O     . HOH G 4 .  ? -2.663  -16.180 10.126  1.00 21.50 ? 51 HOH A O     1 
HETATM 556 O  O     . HOH G 4 .  ? 5.392   12.421  -0.768  1.00 35.67 ? 52 HOH A O     1 
HETATM 557 O  O     . HOH G 4 .  ? 2.013   7.845   8.793   1.00 32.97 ? 53 HOH A O     1 
HETATM 558 O  O     A HOH G 4 .  ? 7.762   2.690   -1.872  0.50 18.26 ? 54 HOH A O     1 
HETATM 559 O  O     B HOH G 4 .  ? 8.372   2.234   -3.748  0.50 18.85 ? 54 HOH A O     1 
HETATM 560 O  O     . HOH G 4 .  ? 17.571  8.364   -5.279  1.00 36.55 ? 55 HOH A O     1 
HETATM 561 O  O     . HOH G 4 .  ? 10.361  10.268  2.568   1.00 36.02 ? 56 HOH A O     1 
HETATM 562 O  O     . HOH G 4 .  ? 12.244  12.244  -1.192  1.00 41.69 ? 57 HOH A O     1 
HETATM 563 O  O     . HOH G 4 .  ? 17.495  9.325   -8.457  1.00 28.64 ? 58 HOH A O     1 
HETATM 564 O  O     . HOH G 4 .  ? 10.131  2.894   -5.612  1.00 39.71 ? 59 HOH A O     1 
HETATM 565 O  O     . HOH G 4 .  ? -11.353 2.451   -4.155  1.00 26.55 ? 60 HOH A O     1 
HETATM 566 O  O     . HOH G 4 .  ? -3.863  7.386   -3.896  1.00 28.04 ? 61 HOH A O     1 
HETATM 567 O  O     . HOH G 4 .  ? -6.303  -10.297 -10.618 1.00 39.11 ? 62 HOH A O     1 
HETATM 568 O  O     . HOH G 4 .  ? 9.055   0.896   5.037   1.00 38.99 ? 63 HOH A O     1 
HETATM 569 O  O     . HOH G 4 .  ? 10.702  2.806   5.588   1.00 46.59 ? 64 HOH A O     1 
HETATM 570 O  O     . HOH G 4 .  ? -2.508  -23.396 3.189   1.00 33.00 ? 65 HOH A O     1 
HETATM 571 O  O     . HOH G 4 .  ? -8.120  -1.567  2.767   1.00 21.01 ? 66 HOH A O     1 
HETATM 572 O  O     . HOH G 4 .  ? -12.732 0.178   2.095   1.00 25.24 ? 67 HOH A O     1 
HETATM 573 O  O     . HOH G 4 .  ? -9.970  -4.906  0.330   1.00 23.70 ? 68 HOH A O     1 
HETATM 574 O  O     . HOH G 4 .  ? -10.375 -2.377  1.851   1.00 34.45 ? 69 HOH A O     1 
HETATM 575 O  O     . HOH G 4 .  ? -8.184  0.465   9.426   1.00 32.95 ? 70 HOH A O     1 
HETATM 576 O  O     . HOH G 4 .  ? 9.742   4.749   -1.965  1.00 32.46 ? 71 HOH A O     1 
HETATM 577 O  O     . HOH G 4 .  ? -10.770 2.271   5.737   1.00 34.89 ? 72 HOH A O     1 
HETATM 578 O  O     . HOH G 4 .  ? -8.281  3.532   6.672   1.00 25.68 ? 73 HOH A O     1 
HETATM 579 O  O     . HOH G 4 .  ? -3.118  -10.197 -6.775  1.00 20.92 ? 74 HOH A O     1 
HETATM 580 O  O     . HOH G 4 .  ? -11.273 -0.844  8.331   1.00 36.51 ? 75 HOH A O     1 
HETATM 581 O  O     . HOH G 4 .  ? 9.608   5.904   7.277   1.00 39.21 ? 76 HOH A O     1 
HETATM 582 O  O     . HOH G 4 .  ? 11.863  3.509   2.584   1.00 32.69 ? 77 HOH A O     1 
HETATM 583 O  O     . HOH G 4 .  ? 9.377   1.653   0.379   1.00 39.94 ? 78 HOH A O     1 
HETATM 584 O  O     A HOH G 4 .  ? 11.646  0.585   -0.218  0.50 29.89 ? 79 HOH A O     1 
HETATM 585 O  O     B HOH G 4 .  ? 11.813  -1.109  0.517   0.50 25.01 ? 79 HOH A O     1 
HETATM 586 O  O     . HOH H 4 .  ? -1.074  -10.686 8.112   1.00 11.05 ? 2  HOH B O     1 
HETATM 587 O  O     . HOH H 4 .  ? 0.182   -8.164  4.105   1.00 12.51 ? 3  HOH B O     1 
HETATM 588 O  O     . HOH H 4 .  ? 1.860   -1.870  -5.776  1.00 30.83 ? 4  HOH B O     1 
HETATM 589 O  O     . HOH H 4 .  ? -1.537  -9.831  5.403   1.00 11.73 ? 5  HOH B O     1 
HETATM 590 O  O     . HOH H 4 .  ? -3.724  -3.224  12.654  1.00 17.40 ? 6  HOH B O     1 
HETATM 591 O  O     . HOH H 4 .  ? -5.601  -6.297  10.895  1.00 16.16 ? 7  HOH B O     1 
HETATM 592 O  O     . HOH H 4 .  ? 5.753   -4.036  -4.802  1.00 31.12 ? 8  HOH B O     1 
HETATM 593 O  O     . HOH H 4 .  ? -1.643  8.433   -10.871 1.00 42.04 ? 9  HOH B O     1 
HETATM 594 O  O     . HOH H 4 .  ? 9.382   -3.009  4.912   1.00 28.88 ? 10 HOH B O     1 
HETATM 595 O  O     . HOH H 4 .  ? -0.751  6.509   -6.730  1.00 49.02 ? 11 HOH B O     1 
HETATM 596 O  O     . HOH H 4 .  ? -6.787  -10.527 9.897   1.00 17.70 ? 12 HOH B O     1 
HETATM 597 O  O     . HOH H 4 .  ? -2.569  -8.311  8.375   1.00 13.35 ? 26 HOH B O     1 
HETATM 598 O  O     . HOH H 4 .  ? -1.182  10.440  -13.091 1.00 37.56 ? 27 HOH B O     1 
HETATM 599 O  O     . HOH H 4 .  ? 5.497   -5.495  0.654   1.00 25.07 ? 28 HOH B O     1 
HETATM 600 O  O     . HOH H 4 .  ? 8.655   20.632  -6.516  1.00 25.91 ? 29 HOH B O     1 
HETATM 601 O  O     . HOH H 4 .  ? 0.389   8.446   -4.647  1.00 29.46 ? 30 HOH B O     1 
HETATM 602 O  O     . HOH H 4 .  ? 4.589   14.229  -2.754  1.00 22.24 ? 31 HOH B O     1 
HETATM 603 O  O     . HOH H 4 .  ? -12.158 -12.550 9.264   1.00 23.83 ? 32 HOH B O     1 
HETATM 604 O  O     . HOH H 4 .  ? -0.607  -6.367  8.371   1.00 22.33 ? 33 HOH B O     1 
HETATM 605 O  O     . HOH H 4 .  ? -0.752  -13.394 7.302   1.00 11.23 ? 34 HOH B O     1 
HETATM 606 O  O     . HOH H 4 .  ? 0.814   -11.264 5.946   1.00 11.32 ? 35 HOH B O     1 
HETATM 607 O  O     . HOH H 4 .  ? 11.104  -1.103  3.541   1.00 40.33 ? 36 HOH B O     1 
HETATM 608 O  O     . HOH H 4 .  ? 0.444   -3.964  -4.253  1.00 28.23 ? 37 HOH B O     1 
HETATM 609 O  O     . HOH H 4 .  ? -0.498  9.859   -8.092  1.00 26.61 ? 38 HOH B O     1 
HETATM 610 O  O     . HOH H 4 .  ? -11.116 -10.085 10.655  1.00 36.01 ? 39 HOH B O     1 
HETATM 611 O  O     . HOH H 4 .  ? -0.200  -0.203  -5.888  1.00 28.97 ? 40 HOH B O     1 
HETATM 612 O  O     . HOH H 4 .  ? 11.576  -3.540  -1.082  1.00 34.26 ? 41 HOH B O     1 
HETATM 613 O  O     . HOH H 4 .  ? 5.840   24.287  -5.403  1.00 31.84 ? 42 HOH B O     1 
HETATM 614 O  O     . HOH H 4 .  ? -1.586  -4.976  11.671  1.00 25.96 ? 43 HOH B O     1 
HETATM 615 O  O     . HOH H 4 .  ? -6.916  -0.270  13.031  1.00 33.42 ? 44 HOH B O     1 
HETATM 616 O  O     . HOH H 4 .  ? 3.408   -5.817  5.331   1.00 20.22 ? 45 HOH B O     1 
HETATM 617 O  O     . HOH H 4 .  ? 1.070   11.835  -3.528  1.00 33.70 ? 46 HOH B O     1 
HETATM 618 O  O     . HOH H 4 .  ? 4.137   -2.894  9.964   1.00 36.76 ? 47 HOH B O     1 
HETATM 619 O  O     . HOH H 4 .  ? -9.430  -13.899 9.880   1.00 30.56 ? 48 HOH B O     1 
HETATM 620 O  O     . HOH H 4 .  ? 8.453   14.707  -2.534  1.00 37.90 ? 49 HOH B O     1 
HETATM 621 O  O     . HOH H 4 .  ? 0.622   20.481  -4.575  1.00 38.97 ? 50 HOH B O     1 
HETATM 622 O  O     . HOH H 4 .  ? -0.726  17.659  -4.208  1.00 30.12 ? 51 HOH B O     1 
HETATM 623 O  O     . HOH H 4 .  ? -9.394  -7.489  12.267  1.00 36.48 ? 52 HOH B O     1 
HETATM 624 O  O     . HOH H 4 .  ? 3.831   24.551  -3.461  1.00 29.74 ? 53 HOH B O     1 
HETATM 625 O  O     . HOH H 4 .  ? -7.084  -8.404  11.835  1.00 24.25 ? 54 HOH B O     1 
HETATM 626 O  O     . HOH H 4 .  ? 3.172   -2.292  -8.393  1.00 31.59 ? 55 HOH B O     1 
HETATM 627 O  O     . HOH H 4 .  ? -7.619  -16.422 8.912   1.00 25.68 ? 56 HOH B O     1 
HETATM 628 O  O     . HOH H 4 .  ? 5.228   22.234  -8.528  1.00 34.37 ? 57 HOH B O     1 
HETATM 629 O  O     . HOH H 4 .  ? -0.825  3.834   -6.430  1.00 33.02 ? 58 HOH B O     1 
HETATM 630 O  O     . HOH H 4 .  ? -1.288  15.439  -11.773 1.00 31.16 ? 59 HOH B O     1 
HETATM 631 O  O     . HOH H 4 .  ? -0.188  10.053  -2.463  1.00 41.00 ? 60 HOH B O     1 
HETATM 632 O  O     . HOH H 4 .  ? 0.744   14.244  -5.079  1.00 34.96 ? 61 HOH B O     1 
HETATM 633 O  O     . HOH H 4 .  ? 0.500   1.593   -7.418  1.00 37.25 ? 62 HOH B O     1 
HETATM 634 O  O     . HOH H 4 .  ? 2.694   23.211  -7.324  1.00 36.11 ? 63 HOH B O     1 
HETATM 635 O  O     . HOH H 4 .  ? 7.691   -5.552  5.178   1.00 32.56 ? 64 HOH B O     1 
HETATM 636 O  O     . HOH H 4 .  ? 7.889   -6.734  9.361   1.00 31.47 ? 65 HOH B O     1 
HETATM 637 O  O     . HOH H 4 .  ? 2.633   16.718  -2.634  1.00 35.82 ? 66 HOH B O     1 
HETATM 638 O  O     . HOH H 4 .  ? 8.375   21.997  -4.100  1.00 32.07 ? 67 HOH B O     1 
HETATM 639 O  O     . HOH H 4 .  ? 6.788   19.016  -1.778  1.00 30.75 ? 68 HOH B O     1 
HETATM 640 O  O     . HOH H 4 .  ? -2.368  10.231  -1.344  1.00 31.26 ? 69 HOH B O     1 
HETATM 641 O  O     . HOH H 4 .  ? -0.967  13.735  -7.061  1.00 43.70 ? 70 HOH B O     1 
HETATM 642 O  O     . HOH H 4 .  ? -20.270 -10.323 6.581   1.00 33.61 ? 71 HOH B O     1 
HETATM 643 O  O     . HOH H 4 .  ? -19.455 -11.023 2.788   1.00 37.19 ? 72 HOH B O     1 
HETATM 644 O  O     . HOH H 4 .  ? -18.668 -10.666 9.025   1.00 33.28 ? 73 HOH B O     1 
HETATM 645 O  O     . HOH H 4 .  ? -15.152 -9.008  10.365  1.00 38.48 ? 74 HOH B O     1 
HETATM 646 O  O     . HOH H 4 .  ? -14.303 -11.121 12.002  1.00 42.17 ? 75 HOH B O     1 
HETATM 647 O  O     . HOH H 4 .  ? -13.309 -7.639  12.786  1.00 33.50 ? 76 HOH B O     1 
HETATM 648 O  O     . HOH H 4 .  ? -11.637 -8.244  14.704  1.00 45.88 ? 77 HOH B O     1 
HETATM 649 O  O     . HOH H 4 .  ? -10.191 -5.326  13.421  1.00 34.35 ? 78 HOH B O     1 
HETATM 650 O  O     . HOH H 4 .  ? -10.302 -6.437  4.630   1.00 18.79 ? 79 HOH B O     1 
HETATM 651 O  O     . HOH H 4 .  ? -8.075  -3.130  5.120   1.00 22.47 ? 80 HOH B O     1 
HETATM 652 O  O     . HOH H 4 .  ? -12.110 -2.742  10.078  1.00 34.03 ? 81 HOH B O     1 
HETATM 653 O  O     . HOH H 4 .  ? -10.587 -3.745  4.714   1.00 28.53 ? 82 HOH B O     1 
HETATM 654 O  O     . HOH H 4 .  ? 3.085   -5.888  9.834   1.00 33.32 ? 83 HOH B O     1 
HETATM 655 O  O     . HOH H 4 .  ? -3.166  -0.674  12.346  1.00 20.27 ? 84 HOH B O     1 
HETATM 656 O  O     . HOH H 4 .  ? 11.048  -4.675  3.505   1.00 36.50 ? 85 HOH B O     1 
HETATM 657 O  O     . HOH H 4 .  ? -0.788  -1.226  13.918  1.00 29.53 ? 86 HOH B O     1 
HETATM 658 O  O     . HOH H 4 .  ? -2.177  1.357   10.760  1.00 35.61 ? 87 HOH B O     1 
HETATM 659 O  O     A HOH H 4 .  ? 1.261   1.007   10.180  0.50 23.57 ? 88 HOH B O     1 
HETATM 660 O  O     B HOH H 4 .  ? 0.219   1.113   12.201  0.50 22.59 ? 88 HOH B O     1 
HETATM 661 O  O     . HOH H 4 .  ? 0.274   -3.642  13.660  1.00 42.72 ? 89 HOH B O     1 
HETATM 662 O  O     . HOH H 4 .  ? -2.995  6.532   -8.293  1.00 36.23 ? 90 HOH B O     1 
HETATM 663 O  O     . HOH H 4 .  ? -1.050  4.267   -9.169  1.00 35.72 ? 91 HOH B O     1 
# 
